data_3KKT
#
_entry.id   3KKT
#
_cell.length_a   89.740
_cell.length_b   89.740
_cell.length_c   337.443
_cell.angle_alpha   90.00
_cell.angle_beta   90.00
_cell.angle_gamma   120.00
#
_symmetry.space_group_name_H-M   'P 65 2 2'
#
loop_
_entity.id
_entity.type
_entity.pdbx_description
1 polymer "cAMP-specific 3',5'-cyclic phosphodiesterase 4B"
2 non-polymer 'ZINC ION'
3 non-polymer 5-{3-[(1S,2S,4R)-bicyclo[2.2.1]hept-2-yloxy]-4-methoxyphenyl}tetrahydropyrimidin-2(1H)-one
4 non-polymer 'MAGNESIUM ION'
5 non-polymer 2-[3-(2-HYDROXY-1,1-DIHYDROXYMETHYL-ETHYLAMINO)-PROPYLAMINO]-2-HYDROXYMETHYL-PROPANE-1,3-DIOL
6 water water
#
_entity_poly.entity_id   1
_entity_poly.type   'polypeptide(L)'
_entity_poly.pdbx_seq_one_letter_code
;MGSSHHHHHHSSGLVPRGSHMSISRFGVNTENEDHLAKELEDLNKWGLNIFNVAGYSHNRPLTCIMYAIFQERDLLKTFR
ISSDTFITYMMTLEDHYHSDVAYHNSLHAADVAQSTHVLLSTPALDAVFTDLEILAAIFAAAIHDVDHPGVSNQFLINTN
SELALMYNDESVLENHHLAVGFKLLQEEHCDIFMNLTKKQRQTLRKMVIDMVLATDMSKHMSLLADLKTMVETKKVTSSG
VLLLDNYTDRIQVLRNMVHCADLSNPTKSLELYRQWTDRIMEEFFQQGDKERERGMEISPMCDKHTASVEKSQVGFIDYI
VHPLWETWADLVQPDAQDILDTLEDNRNWYQSMIPQSPSPPLDEQNRDCQGLMEKFQFELTLDEEDSEGPEKEGEGHS
;
_entity_poly.pdbx_strand_id   A,B
#
loop_
_chem_comp.id
_chem_comp.type
_chem_comp.name
_chem_comp.formula
0CP non-polymer 5-{3-[(1S,2S,4R)-bicyclo[2.2.1]hept-2-yloxy]-4-methoxyphenyl}tetrahydropyrimidin-2(1H)-one 'C18 H24 N2 O3'
B3P non-polymer 2-[3-(2-HYDROXY-1,1-DIHYDROXYMETHYL-ETHYLAMINO)-PROPYLAMINO]-2-HYDROXYMETHYL-PROPANE-1,3-DIOL 'C11 H26 N2 O6'
MG non-polymer 'MAGNESIUM ION' 'Mg 2'
ZN non-polymer 'ZINC ION' 'Zn 2'
#
# COMPACT_ATOMS: atom_id res chain seq x y z
N GLU A 33 -37.30 11.02 18.80
CA GLU A 33 -38.70 11.03 18.29
C GLU A 33 -38.98 12.38 17.68
N ASP A 34 -39.02 13.41 18.53
CA ASP A 34 -39.17 14.80 18.10
C ASP A 34 -37.94 15.58 18.52
N HIS A 35 -37.21 15.05 19.49
CA HIS A 35 -35.92 15.61 19.90
C HIS A 35 -34.85 15.40 18.85
N LEU A 36 -34.97 14.30 18.10
CA LEU A 36 -34.07 14.04 16.97
C LEU A 36 -34.18 15.15 15.92
N ALA A 37 -35.40 15.57 15.62
CA ALA A 37 -35.66 16.60 14.63
C ALA A 37 -34.99 17.94 14.96
N LYS A 38 -35.07 18.34 16.22
CA LYS A 38 -34.48 19.61 16.67
C LYS A 38 -32.97 19.59 16.58
N GLU A 39 -32.38 18.45 16.91
CA GLU A 39 -30.93 18.30 16.88
C GLU A 39 -30.40 18.29 15.45
N LEU A 40 -31.18 17.72 14.53
CA LEU A 40 -30.80 17.65 13.12
C LEU A 40 -30.92 19.00 12.39
N GLU A 41 -31.29 20.04 13.15
CA GLU A 41 -31.32 21.40 12.60
C GLU A 41 -29.90 21.94 12.45
N ASP A 42 -28.97 21.40 13.22
CA ASP A 42 -27.55 21.80 13.15
C ASP A 42 -26.78 20.96 12.12
N LEU A 43 -27.50 20.21 11.28
CA LEU A 43 -26.89 19.32 10.28
C LEU A 43 -25.76 19.96 9.46
N ASN A 44 -26.03 21.11 8.88
CA ASN A 44 -25.06 21.81 8.03
C ASN A 44 -24.05 22.59 8.85
N LYS A 45 -24.03 22.37 10.16
CA LYS A 45 -23.17 23.13 11.07
C LYS A 45 -22.04 22.31 11.70
N TRP A 46 -20.94 23.00 11.97
CA TRP A 46 -19.78 22.44 12.65
C TRP A 46 -20.14 22.18 14.12
N GLY A 47 -21.01 23.04 14.66
CA GLY A 47 -21.42 22.96 16.05
C GLY A 47 -22.45 21.88 16.38
N LEU A 48 -22.73 20.98 15.44
CA LEU A 48 -23.66 19.87 15.68
C LEU A 48 -23.13 18.94 16.76
N ASN A 49 -23.96 18.69 17.76
CA ASN A 49 -23.60 17.78 18.86
C ASN A 49 -24.04 16.35 18.56
N ILE A 50 -23.14 15.59 17.93
CA ILE A 50 -23.43 14.23 17.47
C ILE A 50 -23.75 13.26 18.62
N PHE A 51 -23.22 13.54 19.80
CA PHE A 51 -23.49 12.74 21.00
C PHE A 51 -24.96 12.79 21.40
N ASN A 52 -25.58 13.94 21.20
CA ASN A 52 -27.02 14.11 21.49
C ASN A 52 -27.89 13.35 20.50
N VAL A 53 -27.54 13.43 19.22
CA VAL A 53 -28.25 12.67 18.17
C VAL A 53 -28.07 11.16 18.33
N ALA A 54 -26.93 10.75 18.91
CA ALA A 54 -26.70 9.35 19.24
C ALA A 54 -27.81 8.81 20.15
N GLY A 55 -28.10 9.55 21.22
CA GLY A 55 -29.13 9.18 22.19
C GLY A 55 -30.55 9.12 21.62
N TYR A 56 -30.84 9.98 20.64
CA TYR A 56 -32.17 10.03 20.03
C TYR A 56 -32.28 9.26 18.71
N SER A 57 -31.19 8.63 18.29
CA SER A 57 -31.20 7.80 17.08
C SER A 57 -31.39 6.31 17.40
N HIS A 58 -31.72 6.02 18.67
CA HIS A 58 -31.91 4.66 19.17
C HIS A 58 -30.62 3.84 19.06
N ASN A 59 -29.50 4.49 19.41
CA ASN A 59 -28.16 3.89 19.37
C ASN A 59 -27.76 3.43 17.96
N ARG A 60 -28.07 4.27 16.97
CA ARG A 60 -27.86 3.94 15.56
C ARG A 60 -27.55 5.22 14.76
N PRO A 61 -26.55 6.02 15.22
CA PRO A 61 -26.37 7.39 14.74
C PRO A 61 -25.81 7.56 13.32
N LEU A 62 -25.06 6.57 12.82
CA LEU A 62 -24.47 6.67 11.48
C LEU A 62 -25.52 6.56 10.39
N THR A 63 -26.37 5.54 10.47
CA THR A 63 -27.48 5.38 9.52
C THR A 63 -28.33 6.64 9.56
N CYS A 64 -28.63 7.08 10.78
CA CYS A 64 -29.41 8.28 11.01
C CYS A 64 -28.84 9.49 10.28
N ILE A 65 -27.60 9.84 10.61
CA ILE A 65 -26.96 11.02 10.03
C ILE A 65 -26.75 10.88 8.52
N MET A 66 -26.48 9.65 8.06
CA MET A 66 -26.28 9.39 6.63
C MET A 66 -27.57 9.57 5.86
N TYR A 67 -28.68 9.14 6.45
CA TYR A 67 -29.99 9.35 5.84
C TYR A 67 -30.31 10.85 5.75
N ALA A 68 -29.97 11.58 6.81
CA ALA A 68 -30.13 13.03 6.85
C ALA A 68 -29.29 13.73 5.78
N ILE A 69 -28.00 13.40 5.73
CA ILE A 69 -27.08 13.98 4.75
C ILE A 69 -27.54 13.74 3.31
N PHE A 70 -27.89 12.50 2.98
CA PHE A 70 -28.29 12.11 1.62
C PHE A 70 -29.57 12.78 1.12
N GLN A 71 -30.46 13.14 2.04
CA GLN A 71 -31.70 13.85 1.71
C GLN A 71 -31.44 15.34 1.50
N GLU A 72 -30.63 15.92 2.38
CA GLU A 72 -30.24 17.33 2.32
C GLU A 72 -29.48 17.66 1.04
N ARG A 73 -28.92 16.64 0.39
CA ARG A 73 -28.16 16.81 -0.85
C ARG A 73 -28.84 16.17 -2.07
N ASP A 74 -30.02 15.59 -1.85
CA ASP A 74 -30.82 14.94 -2.90
C ASP A 74 -30.09 13.77 -3.59
N LEU A 75 -29.17 13.13 -2.86
CA LEU A 75 -28.32 12.08 -3.42
C LEU A 75 -29.06 10.78 -3.78
N LEU A 76 -30.07 10.43 -2.99
CA LEU A 76 -30.88 9.23 -3.23
C LEU A 76 -31.62 9.30 -4.55
N LYS A 77 -32.21 10.46 -4.83
CA LYS A 77 -32.99 10.67 -6.04
C LYS A 77 -32.09 10.95 -7.24
N THR A 78 -30.89 11.47 -6.96
CA THR A 78 -29.90 11.70 -8.02
C THR A 78 -29.34 10.37 -8.56
N PHE A 79 -28.93 9.49 -7.65
CA PHE A 79 -28.27 8.26 -8.05
C PHE A 79 -29.17 7.03 -7.98
N ARG A 80 -30.48 7.28 -8.00
CA ARG A 80 -31.51 6.25 -8.06
C ARG A 80 -31.37 5.21 -6.94
N ILE A 81 -31.17 5.70 -5.72
CA ILE A 81 -31.09 4.82 -4.56
C ILE A 81 -32.37 4.93 -3.74
N SER A 82 -33.09 3.82 -3.65
CA SER A 82 -34.33 3.77 -2.88
C SER A 82 -34.03 3.71 -1.38
N SER A 83 -35.03 4.07 -0.58
CA SER A 83 -34.94 3.94 0.87
C SER A 83 -34.55 2.53 1.33
N ASP A 84 -35.12 1.52 0.70
CA ASP A 84 -34.88 0.11 1.06
C ASP A 84 -33.39 -0.23 1.04
N THR A 85 -32.78 -0.06 -0.13
CA THR A 85 -31.39 -0.40 -0.34
C THR A 85 -30.46 0.38 0.60
N PHE A 86 -30.73 1.69 0.71
CA PHE A 86 -29.89 2.59 1.49
C PHE A 86 -29.88 2.24 2.98
N ILE A 87 -31.07 2.22 3.58
CA ILE A 87 -31.23 1.85 4.99
C ILE A 87 -30.61 0.48 5.28
N THR A 88 -30.96 -0.51 4.46
CA THR A 88 -30.41 -1.86 4.61
C THR A 88 -28.87 -1.86 4.59
N TYR A 89 -28.26 -1.17 3.63
CA TYR A 89 -26.80 -1.09 3.59
C TYR A 89 -26.25 -0.41 4.84
N MET A 90 -26.80 0.76 5.18
CA MET A 90 -26.34 1.51 6.35
C MET A 90 -26.50 0.72 7.66
N MET A 91 -27.62 0.01 7.82
CA MET A 91 -27.83 -0.84 8.99
C MET A 91 -26.81 -1.97 9.05
N THR A 92 -26.52 -2.55 7.89
CA THR A 92 -25.52 -3.62 7.77
C THR A 92 -24.12 -3.08 8.08
N LEU A 93 -23.78 -1.96 7.46
CA LEU A 93 -22.49 -1.33 7.67
C LEU A 93 -22.29 -0.94 9.12
N GLU A 94 -23.27 -0.21 9.68
CA GLU A 94 -23.20 0.27 11.07
C GLU A 94 -23.04 -0.87 12.06
N ASP A 95 -23.66 -2.01 11.75
CA ASP A 95 -23.55 -3.18 12.61
C ASP A 95 -22.15 -3.80 12.54
N HIS A 96 -21.41 -3.50 11.48
CA HIS A 96 -20.03 -3.98 11.36
C HIS A 96 -19.01 -3.11 12.09
N TYR A 97 -19.47 -1.98 12.62
CA TYR A 97 -18.69 -1.25 13.63
C TYR A 97 -18.85 -1.95 14.98
N HIS A 98 -17.77 -1.94 15.75
CA HIS A 98 -17.74 -2.62 17.04
C HIS A 98 -18.30 -1.69 18.11
N SER A 99 -19.36 -2.14 18.78
CA SER A 99 -20.00 -1.32 19.80
C SER A 99 -19.25 -1.31 21.13
N ASP A 100 -18.33 -2.27 21.31
CA ASP A 100 -17.55 -2.42 22.54
C ASP A 100 -16.21 -1.68 22.48
N VAL A 101 -15.92 -1.11 21.31
CA VAL A 101 -14.70 -0.35 21.11
C VAL A 101 -15.01 1.08 21.52
N ALA A 102 -14.14 1.66 22.34
CA ALA A 102 -14.39 2.96 22.95
C ALA A 102 -14.52 4.12 21.95
N TYR A 103 -13.55 4.27 21.05
CA TYR A 103 -13.55 5.42 20.12
C TYR A 103 -14.00 5.03 18.73
N HIS A 104 -13.37 4.00 18.16
CA HIS A 104 -13.64 3.60 16.78
C HIS A 104 -14.93 2.79 16.60
N ASN A 105 -16.03 3.34 17.12
CA ASN A 105 -17.36 2.77 16.97
C ASN A 105 -18.14 3.63 15.97
N SER A 106 -19.39 3.27 15.66
CA SER A 106 -20.15 3.97 14.60
C SER A 106 -20.37 5.46 14.81
N LEU A 107 -20.31 5.94 16.05
CA LEU A 107 -20.47 7.36 16.34
C LEU A 107 -19.34 8.21 15.77
N HIS A 108 -18.10 7.73 15.91
CA HIS A 108 -16.95 8.36 15.28
C HIS A 108 -17.11 8.46 13.76
N ALA A 109 -17.62 7.38 13.15
CA ALA A 109 -17.94 7.36 11.72
C ALA A 109 -19.07 8.33 11.36
N ALA A 110 -20.08 8.41 12.22
CA ALA A 110 -21.15 9.39 12.07
C ALA A 110 -20.58 10.80 12.11
N ASP A 111 -19.69 11.04 13.07
CA ASP A 111 -19.04 12.34 13.26
C ASP A 111 -18.24 12.74 12.03
N VAL A 112 -17.50 11.80 11.45
CA VAL A 112 -16.67 12.07 10.29
C VAL A 112 -17.52 12.34 9.04
N ALA A 113 -18.62 11.61 8.89
CA ALA A 113 -19.54 11.86 7.77
C ALA A 113 -20.13 13.26 7.82
N GLN A 114 -20.64 13.66 8.99
CA GLN A 114 -21.29 14.95 9.19
C GLN A 114 -20.32 16.11 8.98
N SER A 115 -19.12 15.98 9.54
CA SER A 115 -18.06 16.98 9.39
C SER A 115 -17.64 17.14 7.92
N THR A 116 -17.51 16.02 7.22
CA THR A 116 -17.19 15.99 5.80
C THR A 116 -18.25 16.78 5.02
N HIS A 117 -19.51 16.54 5.35
CA HIS A 117 -20.66 17.19 4.72
C HIS A 117 -20.62 18.71 4.89
N VAL A 118 -20.20 19.17 6.07
CA VAL A 118 -20.01 20.60 6.33
C VAL A 118 -18.92 21.14 5.41
N LEU A 119 -17.77 20.45 5.41
CA LEU A 119 -16.60 20.87 4.66
C LEU A 119 -16.84 20.95 3.16
N LEU A 120 -17.70 20.09 2.64
CA LEU A 120 -18.10 20.12 1.24
C LEU A 120 -18.91 21.37 0.89
N SER A 121 -19.62 21.90 1.88
CA SER A 121 -20.45 23.10 1.71
C SER A 121 -19.65 24.40 1.85
N THR A 122 -18.38 24.29 2.27
CA THR A 122 -17.46 25.43 2.38
C THR A 122 -17.55 26.33 1.14
N PRO A 123 -17.71 27.65 1.36
CA PRO A 123 -17.85 28.63 0.26
C PRO A 123 -16.79 28.51 -0.84
N ALA A 124 -15.53 28.38 -0.46
CA ALA A 124 -14.43 28.31 -1.42
C ALA A 124 -14.48 27.08 -2.35
N LEU A 125 -15.43 26.18 -2.09
CA LEU A 125 -15.58 24.95 -2.89
C LEU A 125 -16.95 24.86 -3.56
N ASP A 126 -17.72 25.94 -3.47
CA ASP A 126 -19.06 26.01 -4.05
C ASP A 126 -19.04 25.74 -5.56
N ALA A 127 -19.89 24.80 -5.99
CA ALA A 127 -20.05 24.40 -7.39
C ALA A 127 -18.82 23.71 -7.99
N VAL A 128 -17.77 23.57 -7.18
CA VAL A 128 -16.53 22.92 -7.64
C VAL A 128 -16.73 21.41 -7.84
N PHE A 129 -17.32 20.75 -6.85
CA PHE A 129 -17.46 19.29 -6.90
C PHE A 129 -18.76 18.82 -7.56
N THR A 130 -18.63 17.79 -8.38
CA THR A 130 -19.78 17.15 -9.01
C THR A 130 -20.50 16.26 -8.01
N ASP A 131 -21.73 15.85 -8.35
CA ASP A 131 -22.54 15.02 -7.47
C ASP A 131 -21.91 13.67 -7.14
N LEU A 132 -21.13 13.12 -8.07
CA LEU A 132 -20.47 11.84 -7.87
C LEU A 132 -19.30 11.96 -6.88
N GLU A 133 -18.64 13.11 -6.93
CA GLU A 133 -17.53 13.41 -6.03
C GLU A 133 -18.03 13.69 -4.61
N ILE A 134 -19.22 14.31 -4.52
CA ILE A 134 -19.89 14.56 -3.25
C ILE A 134 -20.33 13.22 -2.62
N LEU A 135 -20.95 12.37 -3.43
CA LEU A 135 -21.36 11.03 -3.02
C LEU A 135 -20.17 10.23 -2.50
N ALA A 136 -19.07 10.26 -3.25
CA ALA A 136 -17.85 9.53 -2.89
C ALA A 136 -17.28 9.97 -1.54
N ALA A 137 -17.25 11.27 -1.30
CA ALA A 137 -16.65 11.84 -0.09
C ALA A 137 -17.36 11.38 1.18
N ILE A 138 -18.68 11.52 1.20
CA ILE A 138 -19.49 11.20 2.37
C ILE A 138 -19.54 9.69 2.62
N PHE A 139 -19.65 8.91 1.55
CA PHE A 139 -19.61 7.46 1.64
C PHE A 139 -18.26 6.98 2.16
N ALA A 140 -17.17 7.51 1.62
CA ALA A 140 -15.82 7.20 2.09
C ALA A 140 -15.71 7.42 3.61
N ALA A 141 -16.19 8.58 4.06
CA ALA A 141 -16.22 8.94 5.48
C ALA A 141 -17.00 7.92 6.33
N ALA A 142 -18.09 7.39 5.78
CA ALA A 142 -18.96 6.45 6.50
C ALA A 142 -18.28 5.11 6.73
N ILE A 143 -17.53 4.65 5.74
CA ILE A 143 -16.91 3.33 5.80
C ILE A 143 -15.46 3.34 6.31
N HIS A 144 -14.92 4.54 6.55
CA HIS A 144 -13.47 4.70 6.65
C HIS A 144 -12.82 4.02 7.86
N ASP A 145 -13.64 3.53 8.80
CA ASP A 145 -13.15 2.83 9.99
C ASP A 145 -13.98 1.58 10.33
N VAL A 146 -14.80 1.12 9.40
CA VAL A 146 -15.66 -0.05 9.63
C VAL A 146 -14.88 -1.32 9.99
N ASP A 147 -15.39 -2.07 10.97
CA ASP A 147 -14.79 -3.32 11.46
C ASP A 147 -13.44 -3.09 12.16
N HIS A 148 -13.33 -1.94 12.81
CA HIS A 148 -12.13 -1.57 13.55
C HIS A 148 -12.12 -2.29 14.88
N PRO A 149 -11.06 -3.08 15.14
CA PRO A 149 -10.97 -3.85 16.37
C PRO A 149 -10.53 -3.05 17.60
N GLY A 150 -10.19 -1.78 17.42
CA GLY A 150 -9.76 -0.94 18.53
C GLY A 150 -8.28 -1.10 18.89
N VAL A 151 -7.51 -1.65 17.95
CA VAL A 151 -6.06 -1.72 18.08
C VAL A 151 -5.41 -1.11 16.85
N SER A 152 -4.19 -0.60 17.03
CA SER A 152 -3.44 0.05 15.95
C SER A 152 -2.92 -0.97 14.94
N ASN A 153 -2.58 -0.48 13.74
CA ASN A 153 -1.87 -1.28 12.74
C ASN A 153 -0.70 -2.05 13.35
N GLN A 154 0.11 -1.34 14.14
CA GLN A 154 1.33 -1.92 14.71
C GLN A 154 1.03 -3.10 15.65
N PHE A 155 -0.04 -3.00 16.43
CA PHE A 155 -0.47 -4.11 17.28
C PHE A 155 -0.81 -5.35 16.44
N LEU A 156 -1.51 -5.14 15.33
CA LEU A 156 -1.83 -6.23 14.42
C LEU A 156 -0.57 -6.79 13.78
N ILE A 157 0.38 -5.92 13.47
CA ILE A 157 1.65 -6.35 12.86
C ILE A 157 2.51 -7.17 13.83
N ASN A 158 2.61 -6.71 15.09
CA ASN A 158 3.41 -7.37 16.13
C ASN A 158 2.87 -8.73 16.56
N THR A 159 1.56 -8.93 16.40
CA THR A 159 0.92 -10.18 16.82
C THR A 159 0.87 -11.26 15.73
N ASN A 160 1.33 -10.91 14.52
CA ASN A 160 1.22 -11.77 13.34
C ASN A 160 -0.22 -12.15 12.99
N SER A 161 -1.15 -11.22 13.13
CA SER A 161 -2.56 -11.49 12.83
C SER A 161 -2.80 -11.70 11.33
N GLU A 162 -3.86 -12.44 11.02
CA GLU A 162 -4.36 -12.67 9.65
C GLU A 162 -4.35 -11.42 8.78
N LEU A 163 -4.89 -10.33 9.32
CA LEU A 163 -5.05 -9.09 8.58
C LEU A 163 -3.72 -8.49 8.18
N ALA A 164 -2.75 -8.55 9.10
CA ALA A 164 -1.38 -8.10 8.84
C ALA A 164 -0.74 -8.95 7.75
N LEU A 165 -0.91 -10.26 7.83
CA LEU A 165 -0.37 -11.21 6.86
C LEU A 165 -1.03 -11.08 5.49
N MET A 166 -2.31 -10.72 5.47
CA MET A 166 -3.00 -10.50 4.21
C MET A 166 -2.57 -9.18 3.56
N TYR A 167 -2.49 -8.12 4.34
CA TYR A 167 -2.21 -6.79 3.79
C TYR A 167 -0.75 -6.38 3.81
N ASN A 168 0.13 -7.32 4.16
CA ASN A 168 1.56 -7.14 4.07
C ASN A 168 2.02 -5.95 4.91
N ASP A 169 1.43 -5.86 6.11
CA ASP A 169 1.72 -4.81 7.08
C ASP A 169 1.54 -3.39 6.54
N GLU A 170 0.84 -3.28 5.40
CA GLU A 170 0.74 -2.01 4.66
C GLU A 170 -0.68 -1.45 4.69
N SER A 171 -0.83 -0.34 5.43
CA SER A 171 -2.14 0.24 5.74
C SER A 171 -3.18 -0.83 6.13
N VAL A 172 -2.80 -1.70 7.05
CA VAL A 172 -3.58 -2.91 7.36
C VAL A 172 -5.07 -2.66 7.56
N LEU A 173 -5.40 -1.75 8.46
CA LEU A 173 -6.78 -1.52 8.84
C LEU A 173 -7.53 -0.74 7.77
N GLU A 174 -6.85 0.23 7.17
CA GLU A 174 -7.43 1.10 6.17
C GLU A 174 -7.81 0.33 4.91
N ASN A 175 -6.98 -0.64 4.53
CA ASN A 175 -7.31 -1.58 3.46
C ASN A 175 -8.54 -2.41 3.81
N HIS A 176 -8.54 -2.95 5.03
CA HIS A 176 -9.65 -3.74 5.55
C HIS A 176 -10.97 -2.97 5.56
N HIS A 177 -10.92 -1.70 5.97
CA HIS A 177 -12.11 -0.84 6.01
C HIS A 177 -12.76 -0.77 4.63
N LEU A 178 -11.96 -0.44 3.61
CA LEU A 178 -12.43 -0.42 2.22
C LEU A 178 -12.95 -1.77 1.76
N ALA A 179 -12.20 -2.83 2.03
CA ALA A 179 -12.62 -4.16 1.63
C ALA A 179 -14.01 -4.46 2.19
N VAL A 180 -14.20 -4.22 3.49
CA VAL A 180 -15.48 -4.49 4.16
C VAL A 180 -16.57 -3.57 3.62
N GLY A 181 -16.27 -2.27 3.52
CA GLY A 181 -17.19 -1.28 2.97
C GLY A 181 -17.81 -1.69 1.64
N PHE A 182 -16.99 -2.26 0.76
CA PHE A 182 -17.44 -2.66 -0.58
C PHE A 182 -18.02 -4.07 -0.65
N LYS A 183 -17.52 -4.99 0.18
CA LYS A 183 -18.05 -6.36 0.23
C LYS A 183 -19.52 -6.35 0.66
N LEU A 184 -19.86 -5.43 1.56
CA LEU A 184 -21.20 -5.36 2.14
C LEU A 184 -22.26 -4.85 1.16
N LEU A 185 -21.83 -4.35 0.02
CA LEU A 185 -22.72 -4.02 -1.09
C LEU A 185 -23.30 -5.30 -1.70
N GLN A 186 -22.61 -6.42 -1.48
CA GLN A 186 -22.96 -7.71 -2.07
C GLN A 186 -23.99 -8.49 -1.25
N GLU A 187 -24.27 -8.03 -0.04
CA GLU A 187 -25.29 -8.68 0.79
C GLU A 187 -26.68 -8.34 0.26
N GLU A 188 -27.69 -9.07 0.74
CA GLU A 188 -29.04 -8.92 0.22
C GLU A 188 -29.62 -7.52 0.47
N HIS A 189 -30.15 -6.92 -0.60
CA HIS A 189 -30.73 -5.55 -0.59
C HIS A 189 -29.74 -4.46 -0.21
N CYS A 190 -28.47 -4.64 -0.60
CA CYS A 190 -27.42 -3.74 -0.12
C CYS A 190 -26.69 -2.92 -1.19
N ASP A 191 -26.81 -3.30 -2.46
CA ASP A 191 -26.13 -2.57 -3.53
C ASP A 191 -26.75 -1.19 -3.78
N ILE A 192 -26.21 -0.18 -3.12
CA ILE A 192 -26.64 1.21 -3.29
C ILE A 192 -26.03 1.85 -4.54
N PHE A 193 -25.08 1.17 -5.17
CA PHE A 193 -24.48 1.63 -6.42
C PHE A 193 -25.02 0.84 -7.61
N MET A 194 -26.07 0.06 -7.33
CA MET A 194 -26.77 -0.77 -8.33
C MET A 194 -27.01 -0.04 -9.65
N ASN A 195 -27.67 1.11 -9.58
CA ASN A 195 -28.14 1.84 -10.75
C ASN A 195 -27.13 2.83 -11.34
N LEU A 196 -25.93 2.87 -10.77
CA LEU A 196 -24.87 3.71 -11.34
C LEU A 196 -24.35 3.12 -12.65
N THR A 197 -23.85 4.00 -13.51
CA THR A 197 -23.18 3.59 -14.74
C THR A 197 -21.90 2.84 -14.38
N LYS A 198 -21.49 1.91 -15.24
CA LYS A 198 -20.23 1.20 -15.07
C LYS A 198 -19.04 2.16 -14.96
N LYS A 199 -19.15 3.30 -15.63
CA LYS A 199 -18.12 4.34 -15.60
C LYS A 199 -18.13 5.05 -14.26
N GLN A 200 -19.31 5.55 -13.87
CA GLN A 200 -19.51 6.25 -12.60
C GLN A 200 -19.07 5.43 -11.40
N ARG A 201 -19.37 4.13 -11.44
CA ARG A 201 -19.04 3.21 -10.35
C ARG A 201 -17.53 3.06 -10.22
N GLN A 202 -16.87 2.90 -11.37
CA GLN A 202 -15.41 2.82 -11.45
C GLN A 202 -14.72 4.09 -10.94
N THR A 203 -15.31 5.25 -11.24
CA THR A 203 -14.77 6.53 -10.79
C THR A 203 -15.00 6.73 -9.30
N LEU A 204 -16.22 6.40 -8.84
CA LEU A 204 -16.55 6.44 -7.42
C LEU A 204 -15.60 5.57 -6.62
N ARG A 205 -15.39 4.35 -7.11
CA ARG A 205 -14.52 3.39 -6.44
C ARG A 205 -13.11 3.95 -6.28
N LYS A 206 -12.54 4.45 -7.38
CA LYS A 206 -11.21 5.04 -7.38
C LYS A 206 -11.07 6.17 -6.34
N MET A 207 -12.04 7.08 -6.33
CA MET A 207 -12.04 8.18 -5.36
C MET A 207 -12.12 7.70 -3.91
N VAL A 208 -13.07 6.80 -3.63
CA VAL A 208 -13.28 6.28 -2.28
C VAL A 208 -12.04 5.58 -1.73
N ILE A 209 -11.45 4.69 -2.53
CA ILE A 209 -10.23 3.99 -2.16
C ILE A 209 -9.14 5.02 -1.82
N ASP A 210 -9.03 6.05 -2.65
CA ASP A 210 -8.03 7.10 -2.48
C ASP A 210 -8.24 7.89 -1.19
N MET A 211 -9.47 8.33 -0.93
CA MET A 211 -9.77 9.11 0.28
C MET A 211 -9.54 8.34 1.58
N VAL A 212 -9.93 7.06 1.60
CA VAL A 212 -9.83 6.24 2.82
C VAL A 212 -8.38 5.80 3.11
N LEU A 213 -7.64 5.46 2.06
CA LEU A 213 -6.23 5.11 2.23
C LEU A 213 -5.44 6.32 2.74
N ALA A 214 -5.87 7.52 2.35
CA ALA A 214 -5.31 8.75 2.87
C ALA A 214 -5.47 8.92 4.39
N THR A 215 -6.43 8.22 5.00
CA THR A 215 -6.61 8.30 6.46
C THR A 215 -5.55 7.53 7.26
N ASP A 216 -4.60 6.88 6.56
CA ASP A 216 -3.47 6.23 7.22
C ASP A 216 -2.58 7.29 7.86
N MET A 217 -2.42 7.20 9.17
CA MET A 217 -1.66 8.19 9.93
C MET A 217 -0.18 8.23 9.56
N SER A 218 0.37 7.10 9.12
CA SER A 218 1.76 7.05 8.68
C SER A 218 1.99 7.75 7.33
N LYS A 219 0.90 8.19 6.71
CA LYS A 219 0.97 8.91 5.43
C LYS A 219 0.68 10.41 5.60
N HIS A 220 0.58 10.84 6.86
CA HIS A 220 0.20 12.23 7.16
C HIS A 220 1.17 13.28 6.63
N MET A 221 2.46 13.09 6.93
CA MET A 221 3.50 14.03 6.52
C MET A 221 3.53 14.16 5.00
N SER A 222 3.66 13.02 4.33
CA SER A 222 3.57 12.93 2.87
C SER A 222 2.40 13.73 2.30
N LEU A 223 1.23 13.62 2.92
CA LEU A 223 0.02 14.24 2.39
C LEU A 223 -0.04 15.74 2.65
N LEU A 224 0.37 16.16 3.84
CA LEU A 224 0.40 17.57 4.21
C LEU A 224 1.36 18.38 3.33
N ALA A 225 2.52 17.80 3.04
CA ALA A 225 3.55 18.44 2.21
C ALA A 225 3.05 18.74 0.80
N ASP A 226 2.26 17.83 0.23
CA ASP A 226 1.66 18.03 -1.09
C ASP A 226 0.52 19.03 -1.08
N LEU A 227 -0.23 19.06 0.02
CA LEU A 227 -1.31 20.03 0.19
C LEU A 227 -0.75 21.46 0.27
N LYS A 228 0.35 21.63 1.00
CA LYS A 228 1.08 22.91 1.04
C LYS A 228 1.49 23.34 -0.35
N THR A 229 2.03 22.39 -1.13
CA THR A 229 2.44 22.60 -2.51
C THR A 229 1.25 23.03 -3.39
N MET A 230 0.07 22.56 -3.05
CA MET A 230 -1.13 22.91 -3.81
C MET A 230 -1.64 24.29 -3.44
N VAL A 231 -1.45 24.69 -2.19
CA VAL A 231 -1.81 26.03 -1.75
C VAL A 231 -0.88 27.06 -2.38
N GLU A 232 0.42 26.76 -2.36
CA GLU A 232 1.45 27.63 -2.93
C GLU A 232 1.22 28.01 -4.40
N THR A 233 0.37 27.24 -5.09
CA THR A 233 0.03 27.51 -6.49
C THR A 233 -1.49 27.59 -6.71
N LYS A 234 -2.22 28.02 -5.68
CA LYS A 234 -3.69 28.08 -5.74
C LYS A 234 -4.20 29.10 -6.75
N LYS A 235 -5.33 28.78 -7.38
CA LYS A 235 -5.97 29.67 -8.33
C LYS A 235 -7.43 29.92 -7.92
N VAL A 236 -7.81 31.20 -7.87
CA VAL A 236 -9.18 31.59 -7.44
C VAL A 236 -9.87 32.58 -8.37
N THR A 237 -11.20 32.56 -8.36
CA THR A 237 -12.00 33.60 -9.01
C THR A 237 -12.13 34.83 -8.09
N SER A 238 -12.61 35.93 -8.64
CA SER A 238 -12.70 37.22 -7.90
C SER A 238 -13.64 37.17 -6.71
N SER A 239 -14.64 36.28 -6.76
CA SER A 239 -15.57 36.08 -5.65
C SER A 239 -14.91 35.35 -4.48
N GLY A 240 -13.86 34.60 -4.77
CA GLY A 240 -13.11 33.86 -3.75
C GLY A 240 -13.10 32.35 -3.98
N VAL A 241 -13.94 31.88 -4.89
CA VAL A 241 -14.09 30.45 -5.17
C VAL A 241 -12.83 29.87 -5.82
N LEU A 242 -12.39 28.72 -5.34
CA LEU A 242 -11.22 28.02 -5.88
C LEU A 242 -11.48 27.49 -7.29
N LEU A 243 -10.40 27.38 -8.07
CA LEU A 243 -10.48 26.78 -9.39
C LEU A 243 -9.68 25.48 -9.42
N LEU A 244 -10.38 24.37 -9.62
CA LEU A 244 -9.74 23.06 -9.72
C LEU A 244 -10.23 22.37 -11.00
N ASP A 245 -9.51 22.63 -12.09
CA ASP A 245 -9.94 22.23 -13.43
C ASP A 245 -10.02 20.72 -13.65
N ASN A 246 -9.00 19.99 -13.21
CA ASN A 246 -8.91 18.56 -13.49
C ASN A 246 -8.89 17.66 -12.25
N TYR A 247 -9.13 16.37 -12.50
CA TYR A 247 -9.34 15.38 -11.46
C TYR A 247 -8.24 15.34 -10.39
N THR A 248 -6.99 15.46 -10.81
CA THR A 248 -5.84 15.40 -9.90
C THR A 248 -5.94 16.42 -8.75
N ASP A 249 -6.37 17.63 -9.08
CA ASP A 249 -6.55 18.68 -8.08
C ASP A 249 -7.77 18.41 -7.20
N ARG A 250 -8.88 18.03 -7.85
CA ARG A 250 -10.13 17.74 -7.15
C ARG A 250 -9.99 16.59 -6.15
N ILE A 251 -9.32 15.51 -6.57
CA ILE A 251 -9.11 14.36 -5.67
C ILE A 251 -8.19 14.69 -4.50
N GLN A 252 -7.22 15.58 -4.72
CA GLN A 252 -6.27 15.95 -3.66
C GLN A 252 -6.96 16.70 -2.54
N VAL A 253 -7.94 17.53 -2.88
CA VAL A 253 -8.69 18.30 -1.88
C VAL A 253 -9.53 17.36 -1.02
N LEU A 254 -10.23 16.45 -1.69
CA LEU A 254 -11.10 15.49 -1.01
C LEU A 254 -10.34 14.57 -0.07
N ARG A 255 -9.15 14.14 -0.50
CA ARG A 255 -8.24 13.39 0.36
C ARG A 255 -8.07 14.13 1.67
N ASN A 256 -7.62 15.37 1.57
CA ASN A 256 -7.28 16.18 2.73
C ASN A 256 -8.51 16.61 3.53
N MET A 257 -9.64 16.74 2.85
CA MET A 257 -10.91 17.06 3.50
C MET A 257 -11.34 15.96 4.47
N VAL A 258 -11.40 14.72 3.98
CA VAL A 258 -11.79 13.57 4.79
C VAL A 258 -10.76 13.33 5.89
N HIS A 259 -9.50 13.61 5.56
CA HIS A 259 -8.40 13.52 6.52
C HIS A 259 -8.53 14.59 7.62
N CYS A 260 -8.99 15.79 7.25
CA CYS A 260 -9.23 16.84 8.23
C CYS A 260 -10.41 16.50 9.11
N ALA A 261 -11.48 15.99 8.47
CA ALA A 261 -12.68 15.57 9.15
C ALA A 261 -12.38 14.49 10.19
N ASP A 262 -11.48 13.57 9.83
CA ASP A 262 -11.04 12.49 10.71
C ASP A 262 -10.28 13.05 11.91
N LEU A 263 -9.53 14.13 11.66
CA LEU A 263 -8.72 14.78 12.68
C LEU A 263 -9.34 16.10 13.12
N SER A 264 -10.67 16.12 13.20
CA SER A 264 -11.40 17.33 13.53
C SER A 264 -11.73 17.48 15.02
N ASN A 265 -11.62 16.38 15.78
CA ASN A 265 -11.97 16.40 17.21
C ASN A 265 -11.51 17.67 17.96
N PRO A 266 -10.20 18.01 17.88
CA PRO A 266 -9.69 19.19 18.60
C PRO A 266 -10.19 20.55 18.08
N THR A 267 -10.91 20.54 16.97
CA THR A 267 -11.41 21.78 16.35
C THR A 267 -12.89 22.01 16.69
N LYS A 268 -13.49 21.05 17.38
CA LYS A 268 -14.87 21.17 17.82
C LYS A 268 -14.92 21.92 19.16
N SER A 269 -16.11 22.40 19.50
CA SER A 269 -16.33 23.01 20.83
C SER A 269 -15.89 22.06 21.94
N LEU A 270 -15.17 22.61 22.91
CA LEU A 270 -14.52 21.84 23.98
C LEU A 270 -15.47 20.89 24.73
N GLU A 271 -16.78 21.10 24.56
CA GLU A 271 -17.83 20.21 25.08
C GLU A 271 -17.82 18.83 24.39
N LEU A 272 -17.43 18.81 23.12
CA LEU A 272 -17.33 17.58 22.33
C LEU A 272 -15.90 17.04 22.37
N TYR A 273 -14.93 17.92 22.15
CA TYR A 273 -13.52 17.54 22.10
C TYR A 273 -13.11 16.68 23.29
N ARG A 274 -13.51 17.10 24.49
CA ARG A 274 -13.17 16.36 25.72
C ARG A 274 -13.81 14.97 25.78
N GLN A 275 -15.00 14.83 25.21
CA GLN A 275 -15.65 13.52 25.12
C GLN A 275 -14.84 12.58 24.22
N TRP A 276 -14.43 13.08 23.04
CA TRP A 276 -13.58 12.33 22.13
C TRP A 276 -12.24 11.93 22.76
N THR A 277 -11.66 12.84 23.55
CA THR A 277 -10.40 12.58 24.25
C THR A 277 -10.57 11.44 25.27
N ASP A 278 -11.62 11.53 26.08
CA ASP A 278 -11.98 10.48 27.03
C ASP A 278 -12.07 9.13 26.31
N ARG A 279 -12.77 9.13 25.18
CA ARG A 279 -12.99 7.91 24.40
C ARG A 279 -11.73 7.32 23.81
N ILE A 280 -10.86 8.15 23.23
CA ILE A 280 -9.60 7.66 22.63
C ILE A 280 -8.63 7.10 23.67
N MET A 281 -8.62 7.69 24.87
CA MET A 281 -7.77 7.24 25.95
C MET A 281 -8.24 5.89 26.48
N GLU A 282 -9.55 5.65 26.48
CA GLU A 282 -10.11 4.38 26.94
C GLU A 282 -9.73 3.26 25.99
N GLU A 283 -9.80 3.54 24.69
CA GLU A 283 -9.43 2.57 23.66
C GLU A 283 -7.92 2.27 23.68
N PHE A 284 -7.11 3.33 23.67
CA PHE A 284 -5.65 3.20 23.70
C PHE A 284 -5.13 2.46 24.92
N PHE A 285 -5.67 2.78 26.10
CA PHE A 285 -5.28 2.07 27.33
C PHE A 285 -5.76 0.64 27.33
N GLN A 286 -6.90 0.40 26.69
CA GLN A 286 -7.40 -0.95 26.52
C GLN A 286 -6.48 -1.76 25.63
N GLN A 287 -5.85 -1.11 24.64
CA GLN A 287 -4.81 -1.77 23.84
C GLN A 287 -3.64 -2.15 24.73
N GLY A 288 -3.30 -1.26 25.66
CA GLY A 288 -2.21 -1.47 26.61
C GLY A 288 -2.44 -2.65 27.52
N ASP A 289 -3.70 -2.88 27.86
CA ASP A 289 -4.10 -4.03 28.66
C ASP A 289 -3.87 -5.33 27.88
N LYS A 290 -4.26 -5.31 26.60
CA LYS A 290 -4.08 -6.47 25.72
C LYS A 290 -2.60 -6.86 25.61
N GLU A 291 -1.75 -5.85 25.44
CA GLU A 291 -0.31 -6.05 25.24
C GLU A 291 0.37 -6.74 26.42
N ARG A 292 0.02 -6.31 27.63
CA ARG A 292 0.45 -6.97 28.85
C ARG A 292 -0.07 -8.40 28.93
N GLU A 293 -1.39 -8.55 28.77
CA GLU A 293 -2.05 -9.87 28.77
C GLU A 293 -1.33 -10.88 27.89
N ARG A 294 -0.89 -10.43 26.72
CA ARG A 294 -0.25 -11.31 25.75
C ARG A 294 1.26 -11.33 25.90
N GLY A 295 1.78 -10.56 26.85
CA GLY A 295 3.21 -10.56 27.16
C GLY A 295 4.07 -10.06 26.01
N MET A 296 3.56 -9.08 25.26
CA MET A 296 4.35 -8.43 24.22
C MET A 296 5.40 -7.54 24.86
N GLU A 297 6.62 -7.60 24.33
CA GLU A 297 7.73 -6.83 24.88
C GLU A 297 8.21 -5.79 23.88
N ILE A 298 7.61 -5.79 22.69
CA ILE A 298 7.92 -4.81 21.67
C ILE A 298 7.32 -3.46 22.05
N SER A 299 8.18 -2.57 22.55
CA SER A 299 7.84 -1.19 22.94
C SER A 299 6.62 -1.06 23.87
N PRO A 300 6.76 -1.47 25.14
CA PRO A 300 5.63 -1.56 26.07
C PRO A 300 4.96 -0.20 26.36
N MET A 301 3.65 -0.22 26.62
CA MET A 301 2.89 1.00 26.88
C MET A 301 2.87 1.33 28.36
N CYS A 302 2.91 2.62 28.66
CA CYS A 302 2.80 3.12 30.02
C CYS A 302 1.34 3.05 30.45
N ASP A 303 1.09 2.43 31.60
CA ASP A 303 -0.30 2.22 32.03
C ASP A 303 -1.00 3.50 32.48
N LYS A 304 -2.33 3.40 32.61
CA LYS A 304 -3.25 4.54 32.70
C LYS A 304 -2.85 5.67 33.65
N HIS A 305 -2.27 5.33 34.81
CA HIS A 305 -2.02 6.32 35.85
C HIS A 305 -0.82 7.23 35.56
N THR A 306 0.21 6.67 34.94
CA THR A 306 1.46 7.40 34.72
C THR A 306 1.45 8.30 33.49
N ALA A 307 0.42 8.18 32.66
CA ALA A 307 0.35 8.93 31.40
C ALA A 307 -0.06 10.38 31.59
N SER A 308 0.38 11.23 30.67
CA SER A 308 0.06 12.65 30.67
C SER A 308 -0.94 12.95 29.55
N VAL A 309 -2.23 12.94 29.90
CA VAL A 309 -3.31 13.12 28.94
C VAL A 309 -3.26 14.49 28.25
N GLU A 310 -3.06 15.53 29.04
CA GLU A 310 -3.17 16.91 28.58
C GLU A 310 -2.01 17.34 27.68
N LYS A 311 -0.79 16.96 28.05
CA LYS A 311 0.38 17.29 27.24
C LYS A 311 0.37 16.54 25.91
N SER A 312 -0.22 15.35 25.91
CA SER A 312 -0.40 14.56 24.69
C SER A 312 -1.33 15.25 23.69
N GLN A 313 -2.46 15.77 24.17
CA GLN A 313 -3.36 16.54 23.32
C GLN A 313 -2.69 17.80 22.75
N VAL A 314 -1.83 18.42 23.54
CA VAL A 314 -1.05 19.59 23.10
C VAL A 314 -0.06 19.19 22.01
N GLY A 315 0.72 18.14 22.26
CA GLY A 315 1.65 17.61 21.25
C GLY A 315 0.92 17.17 20.00
N PHE A 316 -0.26 16.60 20.18
CA PHE A 316 -1.11 16.12 19.09
C PHE A 316 -1.49 17.28 18.17
N ILE A 317 -1.82 18.42 18.78
CA ILE A 317 -2.20 19.60 18.03
C ILE A 317 -0.97 20.22 17.38
N ASP A 318 0.08 20.41 18.17
CA ASP A 318 1.30 21.09 17.71
C ASP A 318 1.98 20.40 16.54
N TYR A 319 2.13 19.07 16.62
CA TYR A 319 2.86 18.30 15.60
C TYR A 319 1.99 17.77 14.46
N ILE A 320 0.70 17.59 14.68
CA ILE A 320 -0.17 17.00 13.66
C ILE A 320 -1.38 17.85 13.28
N VAL A 321 -2.23 18.16 14.26
CA VAL A 321 -3.55 18.72 13.97
C VAL A 321 -3.51 20.16 13.46
N HIS A 322 -2.78 21.02 14.16
CA HIS A 322 -2.68 22.43 13.76
C HIS A 322 -1.98 22.66 12.40
N PRO A 323 -0.83 22.00 12.15
CA PRO A 323 -0.21 22.16 10.83
C PRO A 323 -1.17 21.86 9.67
N LEU A 324 -1.96 20.78 9.80
CA LEU A 324 -2.91 20.37 8.77
C LEU A 324 -4.07 21.34 8.61
N TRP A 325 -4.64 21.80 9.72
CA TRP A 325 -5.76 22.73 9.67
C TRP A 325 -5.37 24.15 9.26
N GLU A 326 -4.17 24.57 9.66
CA GLU A 326 -3.60 25.85 9.21
C GLU A 326 -3.48 25.88 7.69
N THR A 327 -2.96 24.79 7.13
CA THR A 327 -2.83 24.63 5.67
C THR A 327 -4.22 24.60 5.01
N TRP A 328 -5.18 23.96 5.66
CA TRP A 328 -6.55 23.94 5.16
C TRP A 328 -7.19 25.33 5.18
N ALA A 329 -6.94 26.09 6.24
CA ALA A 329 -7.47 27.44 6.38
C ALA A 329 -6.90 28.37 5.29
N ASP A 330 -5.65 28.11 4.89
CA ASP A 330 -5.02 28.78 3.76
C ASP A 330 -5.75 28.46 2.45
N LEU A 331 -6.09 27.20 2.26
CA LEU A 331 -6.76 26.75 1.04
C LEU A 331 -8.15 27.38 0.87
N VAL A 332 -8.92 27.38 1.96
CA VAL A 332 -10.28 27.93 1.93
C VAL A 332 -10.37 29.35 2.53
N GLN A 333 -9.22 30.00 2.65
CA GLN A 333 -9.09 31.40 3.08
C GLN A 333 -10.30 32.26 2.68
N PRO A 334 -11.02 32.82 3.68
CA PRO A 334 -10.79 32.60 5.10
C PRO A 334 -11.97 31.88 5.78
N ASP A 335 -12.53 30.88 5.10
CA ASP A 335 -13.77 30.20 5.53
C ASP A 335 -13.62 29.37 6.82
N ALA A 336 -12.40 28.90 7.07
CA ALA A 336 -12.12 28.03 8.22
C ALA A 336 -11.42 28.75 9.36
N GLN A 337 -11.52 30.07 9.39
CA GLN A 337 -10.88 30.88 10.42
C GLN A 337 -11.50 30.62 11.80
N ASP A 338 -12.83 30.52 11.84
CA ASP A 338 -13.56 30.27 13.10
C ASP A 338 -13.20 28.91 13.69
N ILE A 339 -13.09 27.92 12.81
CA ILE A 339 -12.63 26.57 13.15
C ILE A 339 -11.22 26.62 13.75
N LEU A 340 -10.36 27.41 13.11
CA LEU A 340 -8.95 27.55 13.51
C LEU A 340 -8.77 28.24 14.86
N ASP A 341 -9.60 29.24 15.13
CA ASP A 341 -9.61 29.94 16.42
C ASP A 341 -9.97 28.98 17.55
N THR A 342 -11.05 28.23 17.33
CA THR A 342 -11.54 27.24 18.28
C THR A 342 -10.43 26.25 18.66
N LEU A 343 -9.69 25.79 17.65
CA LEU A 343 -8.57 24.87 17.85
C LEU A 343 -7.49 25.48 18.75
N GLU A 344 -7.07 26.71 18.43
CA GLU A 344 -5.99 27.38 19.16
C GLU A 344 -6.34 27.58 20.64
N ASP A 345 -7.58 28.01 20.90
CA ASP A 345 -8.09 28.15 22.26
C ASP A 345 -8.04 26.81 23.01
N ASN A 346 -8.53 25.75 22.37
CA ASN A 346 -8.53 24.41 22.94
C ASN A 346 -7.12 23.90 23.28
N ARG A 347 -6.16 24.29 22.45
CA ARG A 347 -4.75 23.95 22.67
C ARG A 347 -4.22 24.64 23.94
N ASN A 348 -4.52 25.93 24.08
CA ASN A 348 -4.09 26.71 25.25
C ASN A 348 -4.77 26.27 26.54
N TRP A 349 -5.99 25.78 26.42
CA TRP A 349 -6.71 25.20 27.55
C TRP A 349 -6.01 23.95 28.08
N TYR A 350 -5.70 23.01 27.19
CA TYR A 350 -5.01 21.78 27.59
C TYR A 350 -3.59 22.04 28.06
N GLN A 351 -2.95 23.06 27.49
CA GLN A 351 -1.62 23.49 27.90
C GLN A 351 -1.64 24.00 29.35
N SER A 352 -2.63 24.83 29.66
CA SER A 352 -2.80 25.39 31.01
C SER A 352 -3.07 24.30 32.05
N MET A 353 -3.64 23.20 31.57
CA MET A 353 -4.05 22.09 32.44
C MET A 353 -2.94 21.09 32.73
N ILE A 354 -1.77 21.30 32.15
CA ILE A 354 -0.61 20.44 32.40
C ILE A 354 -0.05 20.67 33.81
N PRO A 355 -0.12 19.64 34.67
CA PRO A 355 0.34 19.78 36.05
C PRO A 355 1.85 19.74 36.11
N GLN A 356 2.46 20.78 36.69
CA GLN A 356 3.92 20.85 36.81
C GLN A 356 4.39 20.15 38.08
N SER A 357 3.44 19.71 38.90
CA SER A 357 3.72 19.10 40.21
C SER A 357 4.45 17.75 40.19
N PRO A 358 4.23 16.93 39.14
CA PRO A 358 5.22 15.89 38.82
C PRO A 358 6.10 16.31 37.64
N SER A 359 7.39 16.55 37.92
CA SER A 359 8.34 17.04 36.92
C SER A 359 9.69 16.32 37.03
N PRO A 360 10.12 15.64 35.95
CA PRO A 360 9.45 15.49 34.65
C PRO A 360 8.20 14.61 34.75
N PRO A 361 7.34 14.62 33.73
CA PRO A 361 6.17 13.74 33.73
C PRO A 361 6.54 12.26 33.90
N LEU A 362 5.70 11.53 34.63
CA LEU A 362 5.94 10.13 35.00
C LEU A 362 6.41 9.21 33.86
N ASP A 363 5.82 9.36 32.67
CA ASP A 363 6.16 8.54 31.52
C ASP A 363 7.59 8.78 31.03
N GLU A 364 8.12 9.97 31.32
CA GLU A 364 9.52 10.28 31.03
C GLU A 364 10.46 9.70 32.10
N GLN A 365 9.93 9.44 33.28
CA GLN A 365 10.70 8.89 34.40
C GLN A 365 10.81 7.37 34.37
N ASN A 366 10.19 6.75 33.36
CA ASN A 366 10.23 5.30 33.19
C ASN A 366 10.90 4.94 31.86
N ARG A 367 12.07 4.32 31.95
CA ARG A 367 12.88 4.01 30.77
C ARG A 367 12.41 2.74 30.03
N ASP A 368 11.40 2.08 30.59
CA ASP A 368 10.84 0.85 30.02
C ASP A 368 9.55 1.13 29.22
N CYS A 369 8.59 1.78 29.87
CA CYS A 369 7.31 2.11 29.26
C CYS A 369 7.47 3.23 28.22
N GLN A 370 6.45 3.41 27.39
CA GLN A 370 6.39 4.53 26.46
C GLN A 370 5.14 5.37 26.68
N GLY A 371 5.32 6.69 26.70
CA GLY A 371 4.21 7.63 26.83
C GLY A 371 3.28 7.61 25.64
N LEU A 372 2.11 8.21 25.80
CA LEU A 372 1.06 8.21 24.79
C LEU A 372 1.58 8.66 23.42
N MET A 373 2.17 9.85 23.39
CA MET A 373 2.65 10.44 22.14
C MET A 373 3.83 9.68 21.55
N GLU A 374 4.73 9.19 22.42
CA GLU A 374 5.89 8.42 21.99
C GLU A 374 5.49 7.15 21.25
N LYS A 375 4.57 6.38 21.84
CA LYS A 375 4.09 5.13 21.25
C LYS A 375 3.29 5.35 19.97
N PHE A 376 2.40 6.33 19.99
CA PHE A 376 1.61 6.69 18.82
C PHE A 376 2.48 7.18 17.66
N GLN A 377 3.48 8.01 17.96
CA GLN A 377 4.34 8.59 16.92
C GLN A 377 5.33 7.57 16.35
N PHE A 378 6.29 8.06 15.58
CA PHE A 378 7.28 7.23 14.85
C PHE A 378 6.70 6.79 13.50
N GLU A 379 5.99 7.70 12.84
CA GLU A 379 5.28 7.38 11.60
C GLU A 379 6.11 7.69 10.35
N SER B 24 13.15 -34.57 0.84
CA SER B 24 12.90 -33.60 -0.26
C SER B 24 14.03 -33.67 -1.29
N ARG B 25 13.71 -34.16 -2.50
CA ARG B 25 14.72 -34.37 -3.53
CA ARG B 25 14.72 -34.38 -3.54
C ARG B 25 14.14 -34.28 -4.95
N PHE B 26 14.95 -33.79 -5.88
CA PHE B 26 14.61 -33.75 -7.30
C PHE B 26 14.77 -35.16 -7.86
N GLY B 27 13.97 -35.52 -8.86
CA GLY B 27 14.05 -36.85 -9.45
C GLY B 27 14.94 -36.92 -10.67
N VAL B 28 16.10 -36.27 -10.58
CA VAL B 28 16.99 -36.10 -11.74
C VAL B 28 17.72 -37.38 -12.10
N ASN B 29 18.00 -37.56 -13.40
CA ASN B 29 18.77 -38.69 -13.91
C ASN B 29 20.22 -38.60 -13.45
N THR B 30 21.06 -39.54 -13.89
CA THR B 30 22.49 -39.39 -13.73
C THR B 30 23.04 -38.69 -14.96
N GLU B 31 22.49 -39.05 -16.12
CA GLU B 31 22.88 -38.49 -17.41
C GLU B 31 22.76 -36.96 -17.45
N ASN B 32 21.63 -36.43 -16.99
CA ASN B 32 21.39 -34.99 -17.03
C ASN B 32 21.58 -34.23 -15.71
N GLU B 33 22.02 -34.94 -14.67
CA GLU B 33 22.63 -34.29 -13.51
C GLU B 33 23.97 -33.70 -13.91
N ASP B 34 24.65 -34.40 -14.83
CA ASP B 34 25.89 -33.92 -15.44
C ASP B 34 25.63 -32.64 -16.24
N HIS B 35 24.63 -32.70 -17.12
CA HIS B 35 24.22 -31.57 -17.96
C HIS B 35 23.84 -30.37 -17.10
N LEU B 36 23.19 -30.64 -15.97
CA LEU B 36 22.76 -29.63 -15.02
C LEU B 36 23.93 -28.98 -14.30
N ALA B 37 24.85 -29.80 -13.77
CA ALA B 37 26.02 -29.28 -13.05
C ALA B 37 26.96 -28.50 -13.98
N LYS B 38 26.99 -28.91 -15.25
CA LYS B 38 27.74 -28.20 -16.28
C LYS B 38 27.18 -26.79 -16.44
N GLU B 39 25.86 -26.71 -16.54
CA GLU B 39 25.15 -25.44 -16.69
C GLU B 39 25.34 -24.52 -15.48
N LEU B 40 25.42 -25.12 -14.30
CA LEU B 40 25.53 -24.35 -13.05
C LEU B 40 26.89 -23.69 -12.84
N GLU B 41 27.84 -23.96 -13.74
CA GLU B 41 29.11 -23.26 -13.77
C GLU B 41 28.91 -21.74 -13.91
N ASP B 42 27.91 -21.36 -14.72
CA ASP B 42 27.60 -19.95 -14.97
C ASP B 42 26.71 -19.29 -13.91
N LEU B 43 26.58 -19.92 -12.74
CA LEU B 43 25.73 -19.42 -11.66
C LEU B 43 25.96 -17.94 -11.35
N ASN B 44 27.22 -17.54 -11.26
CA ASN B 44 27.58 -16.17 -10.91
C ASN B 44 27.70 -15.25 -12.12
N LYS B 45 27.24 -15.74 -13.28
CA LYS B 45 27.39 -15.01 -14.53
C LYS B 45 26.06 -14.57 -15.14
N TRP B 46 26.07 -13.36 -15.70
CA TRP B 46 24.91 -12.76 -16.38
C TRP B 46 24.49 -13.55 -17.61
N GLY B 47 25.43 -14.33 -18.15
CA GLY B 47 25.18 -15.10 -19.37
C GLY B 47 24.58 -16.48 -19.13
N LEU B 48 24.28 -16.81 -17.87
CA LEU B 48 23.70 -18.11 -17.54
C LEU B 48 22.39 -18.36 -18.27
N ASN B 49 22.29 -19.52 -18.92
CA ASN B 49 21.06 -19.96 -19.56
C ASN B 49 20.16 -20.66 -18.54
N ILE B 50 19.01 -20.06 -18.25
CA ILE B 50 18.06 -20.62 -17.30
C ILE B 50 17.14 -21.66 -17.95
N PHE B 51 16.89 -21.51 -19.25
CA PHE B 51 16.08 -22.46 -20.03
C PHE B 51 16.68 -23.86 -20.02
N ASN B 52 18.01 -23.93 -20.12
CA ASN B 52 18.70 -25.21 -20.09
C ASN B 52 18.54 -25.92 -18.75
N VAL B 53 18.73 -25.18 -17.66
CA VAL B 53 18.61 -25.76 -16.31
C VAL B 53 17.19 -26.25 -16.01
N ALA B 54 16.20 -25.57 -16.60
CA ALA B 54 14.82 -26.01 -16.52
C ALA B 54 14.66 -27.41 -17.10
N GLY B 55 15.21 -27.62 -18.30
CA GLY B 55 15.13 -28.91 -18.99
C GLY B 55 15.79 -30.07 -18.24
N TYR B 56 16.81 -29.75 -17.44
CA TYR B 56 17.57 -30.79 -16.73
C TYR B 56 17.05 -31.07 -15.31
N SER B 57 16.21 -30.20 -14.78
CA SER B 57 15.77 -30.33 -13.40
C SER B 57 14.32 -30.78 -13.24
N HIS B 58 13.80 -31.48 -14.25
CA HIS B 58 12.40 -31.94 -14.26
C HIS B 58 11.43 -30.76 -14.19
N ASN B 59 11.77 -29.67 -14.88
CA ASN B 59 11.03 -28.41 -14.87
C ASN B 59 10.85 -27.81 -13.47
N ARG B 60 11.88 -27.92 -12.65
CA ARG B 60 11.94 -27.24 -11.35
C ARG B 60 13.10 -26.22 -11.28
N PRO B 61 13.15 -25.25 -12.23
CA PRO B 61 14.28 -24.32 -12.28
C PRO B 61 14.40 -23.40 -11.08
N LEU B 62 13.28 -23.00 -10.47
CA LEU B 62 13.29 -22.11 -9.32
C LEU B 62 13.95 -22.76 -8.10
N THR B 63 13.54 -23.98 -7.78
CA THR B 63 14.04 -24.66 -6.59
C THR B 63 15.51 -24.98 -6.77
N CYS B 64 15.83 -25.53 -7.94
CA CYS B 64 17.21 -25.84 -8.32
C CYS B 64 18.13 -24.62 -8.23
N ILE B 65 17.73 -23.50 -8.82
CA ILE B 65 18.56 -22.30 -8.81
C ILE B 65 18.72 -21.72 -7.40
N MET B 66 17.65 -21.79 -6.60
CA MET B 66 17.65 -21.23 -5.25
C MET B 66 18.53 -22.05 -4.30
N TYR B 67 18.51 -23.36 -4.46
CA TYR B 67 19.36 -24.25 -3.67
C TYR B 67 20.81 -23.90 -3.93
N ALA B 68 21.19 -23.91 -5.21
CA ALA B 68 22.51 -23.50 -5.68
C ALA B 68 22.95 -22.14 -5.11
N ILE B 69 22.10 -21.13 -5.27
CA ILE B 69 22.39 -19.78 -4.78
C ILE B 69 22.58 -19.76 -3.27
N PHE B 70 21.69 -20.44 -2.55
CA PHE B 70 21.76 -20.48 -1.09
C PHE B 70 23.02 -21.16 -0.57
N GLN B 71 23.55 -22.11 -1.33
CA GLN B 71 24.77 -22.81 -0.92
C GLN B 71 26.05 -22.11 -1.39
N GLU B 72 25.97 -21.42 -2.53
CA GLU B 72 27.06 -20.58 -3.01
C GLU B 72 27.36 -19.45 -2.03
N ARG B 73 26.29 -18.91 -1.43
CA ARG B 73 26.39 -17.77 -0.52
C ARG B 73 26.42 -18.19 0.94
N ASP B 74 26.42 -19.51 1.18
CA ASP B 74 26.39 -20.08 2.54
C ASP B 74 25.18 -19.65 3.39
N LEU B 75 24.08 -19.32 2.73
CA LEU B 75 22.90 -18.76 3.41
C LEU B 75 22.19 -19.72 4.38
N LEU B 76 22.20 -21.01 4.07
CA LEU B 76 21.61 -22.02 4.96
C LEU B 76 22.36 -22.14 6.28
N LYS B 77 23.70 -22.11 6.19
CA LYS B 77 24.56 -22.16 7.37
C LYS B 77 24.36 -20.92 8.25
N THR B 78 24.41 -19.76 7.62
CA THR B 78 24.27 -18.48 8.33
C THR B 78 22.96 -18.45 9.12
N PHE B 79 21.84 -18.59 8.42
CA PHE B 79 20.53 -18.38 9.03
C PHE B 79 19.88 -19.64 9.59
N ARG B 80 20.69 -20.68 9.73
CA ARG B 80 20.28 -21.91 10.41
C ARG B 80 19.03 -22.48 9.75
N ILE B 81 19.08 -22.59 8.42
CA ILE B 81 17.97 -23.10 7.66
C ILE B 81 18.25 -24.53 7.27
N SER B 82 17.42 -25.44 7.78
CA SER B 82 17.48 -26.85 7.42
C SER B 82 17.27 -27.00 5.93
N SER B 83 18.11 -27.82 5.30
CA SER B 83 18.03 -28.03 3.87
C SER B 83 16.71 -28.71 3.51
N ASP B 84 16.24 -29.56 4.42
CA ASP B 84 14.93 -30.20 4.29
C ASP B 84 13.85 -29.13 4.21
N THR B 85 13.77 -28.28 5.25
CA THR B 85 12.86 -27.16 5.28
C THR B 85 12.95 -26.28 4.03
N PHE B 86 14.18 -25.94 3.63
CA PHE B 86 14.39 -25.09 2.46
C PHE B 86 13.81 -25.71 1.19
N ILE B 87 14.22 -26.92 0.86
CA ILE B 87 13.71 -27.61 -0.31
C ILE B 87 12.19 -27.81 -0.23
N THR B 88 11.69 -28.18 0.95
CA THR B 88 10.25 -28.37 1.16
C THR B 88 9.49 -27.09 0.81
N TYR B 89 9.91 -25.97 1.40
CA TYR B 89 9.31 -24.68 1.10
C TYR B 89 9.40 -24.31 -0.39
N MET B 90 10.60 -24.48 -0.97
CA MET B 90 10.84 -24.10 -2.35
C MET B 90 10.00 -24.89 -3.34
N MET B 91 9.86 -26.19 -3.08
CA MET B 91 9.03 -27.06 -3.89
C MET B 91 7.55 -26.67 -3.81
N THR B 92 7.10 -26.30 -2.60
CA THR B 92 5.75 -25.80 -2.41
C THR B 92 5.56 -24.49 -3.17
N LEU B 93 6.47 -23.55 -2.94
CA LEU B 93 6.44 -22.27 -3.61
C LEU B 93 6.36 -22.39 -5.12
N GLU B 94 7.28 -23.16 -5.71
CA GLU B 94 7.36 -23.32 -7.16
C GLU B 94 6.06 -23.87 -7.75
N ASP B 95 5.40 -24.72 -6.97
CA ASP B 95 4.18 -25.36 -7.40
C ASP B 95 3.01 -24.40 -7.42
N HIS B 96 3.12 -23.30 -6.67
CA HIS B 96 2.12 -22.25 -6.73
C HIS B 96 2.36 -21.24 -7.87
N TYR B 97 3.39 -21.51 -8.68
CA TYR B 97 3.50 -20.85 -9.99
C TYR B 97 2.68 -21.64 -11.00
N HIS B 98 2.02 -20.93 -11.91
CA HIS B 98 1.15 -21.55 -12.89
C HIS B 98 1.94 -21.97 -14.11
N SER B 99 2.20 -23.28 -14.24
CA SER B 99 3.00 -23.81 -15.36
C SER B 99 2.33 -23.63 -16.73
N ASP B 100 1.01 -23.45 -16.74
CA ASP B 100 0.25 -23.18 -17.97
C ASP B 100 0.34 -21.70 -18.42
N VAL B 101 0.99 -20.87 -17.63
CA VAL B 101 1.15 -19.45 -17.98
C VAL B 101 2.49 -19.25 -18.69
N ALA B 102 2.45 -18.59 -19.85
CA ALA B 102 3.60 -18.54 -20.76
C ALA B 102 4.87 -17.90 -20.19
N TYR B 103 4.73 -16.71 -19.61
CA TYR B 103 5.88 -15.98 -19.10
C TYR B 103 5.98 -16.06 -17.57
N HIS B 104 4.94 -15.62 -16.87
CA HIS B 104 4.97 -15.51 -15.41
C HIS B 104 4.81 -16.85 -14.69
N ASN B 105 5.74 -17.76 -14.96
CA ASN B 105 5.83 -19.06 -14.28
C ASN B 105 7.18 -19.20 -13.58
N SER B 106 7.42 -20.35 -12.97
CA SER B 106 8.59 -20.51 -12.09
C SER B 106 9.92 -20.16 -12.77
N LEU B 107 9.99 -20.39 -14.08
CA LEU B 107 11.16 -20.04 -14.90
C LEU B 107 11.55 -18.55 -14.79
N HIS B 108 10.57 -17.67 -14.94
CA HIS B 108 10.80 -16.23 -14.83
C HIS B 108 11.31 -15.83 -13.45
N ALA B 109 10.78 -16.46 -12.41
CA ALA B 109 11.17 -16.18 -11.03
C ALA B 109 12.59 -16.67 -10.77
N ALA B 110 12.89 -17.87 -11.29
CA ALA B 110 14.26 -18.41 -11.31
C ALA B 110 15.25 -17.43 -11.96
N ASP B 111 14.85 -16.88 -13.10
CA ASP B 111 15.66 -15.91 -13.83
C ASP B 111 15.94 -14.65 -13.00
N VAL B 112 14.87 -14.04 -12.47
CA VAL B 112 14.97 -12.85 -11.61
C VAL B 112 15.84 -13.10 -10.36
N ALA B 113 15.68 -14.27 -9.74
CA ALA B 113 16.47 -14.64 -8.57
C ALA B 113 17.95 -14.76 -8.91
N GLN B 114 18.26 -15.47 -10.00
CA GLN B 114 19.65 -15.63 -10.43
C GLN B 114 20.24 -14.30 -10.89
N SER B 115 19.45 -13.51 -11.62
CA SER B 115 19.86 -12.16 -12.05
C SER B 115 20.10 -11.23 -10.85
N THR B 116 19.32 -11.41 -9.80
CA THR B 116 19.49 -10.62 -8.58
C THR B 116 20.81 -11.03 -7.92
N HIS B 117 20.99 -12.33 -7.75
CA HIS B 117 22.23 -12.92 -7.25
C HIS B 117 23.49 -12.31 -7.90
N VAL B 118 23.52 -12.22 -9.23
CA VAL B 118 24.62 -11.60 -9.93
C VAL B 118 24.75 -10.13 -9.53
N LEU B 119 23.64 -9.41 -9.51
CA LEU B 119 23.66 -7.99 -9.15
C LEU B 119 24.11 -7.71 -7.72
N LEU B 120 23.87 -8.67 -6.81
CA LEU B 120 24.36 -8.58 -5.44
C LEU B 120 25.88 -8.52 -5.39
N SER B 121 26.54 -9.14 -6.36
CA SER B 121 28.00 -9.27 -6.38
C SER B 121 28.73 -8.15 -7.10
N THR B 122 27.99 -7.17 -7.61
CA THR B 122 28.58 -5.99 -8.24
C THR B 122 29.69 -5.43 -7.33
N PRO B 123 30.92 -5.28 -7.87
CA PRO B 123 32.08 -4.76 -7.11
C PRO B 123 31.81 -3.45 -6.35
N ALA B 124 31.03 -2.55 -6.95
CA ALA B 124 30.70 -1.28 -6.29
C ALA B 124 29.73 -1.46 -5.11
N LEU B 125 29.26 -2.69 -4.92
CA LEU B 125 28.35 -3.01 -3.82
C LEU B 125 28.95 -4.09 -2.92
N ASP B 126 30.27 -4.24 -3.00
CA ASP B 126 31.02 -5.21 -2.21
C ASP B 126 30.89 -4.94 -0.71
N ALA B 127 30.30 -5.89 0.02
CA ALA B 127 30.08 -5.84 1.46
C ALA B 127 29.30 -4.63 1.99
N VAL B 128 28.41 -4.09 1.16
CA VAL B 128 27.57 -2.96 1.59
C VAL B 128 26.32 -3.48 2.29
N PHE B 129 25.89 -4.67 1.92
CA PHE B 129 24.67 -5.26 2.47
C PHE B 129 24.98 -6.33 3.49
N THR B 130 24.18 -6.37 4.57
CA THR B 130 24.26 -7.45 5.54
C THR B 130 23.80 -8.75 4.89
N ASP B 131 24.03 -9.87 5.57
CA ASP B 131 23.56 -11.18 5.10
C ASP B 131 22.03 -11.22 5.00
N LEU B 132 21.37 -10.56 5.95
CA LEU B 132 19.91 -10.52 6.02
C LEU B 132 19.33 -9.80 4.82
N GLU B 133 20.00 -8.72 4.41
CA GLU B 133 19.57 -7.94 3.26
C GLU B 133 19.76 -8.73 1.97
N ILE B 134 20.84 -9.52 1.93
CA ILE B 134 21.10 -10.42 0.80
C ILE B 134 20.01 -11.50 0.75
N LEU B 135 19.75 -12.12 1.89
CA LEU B 135 18.68 -13.11 2.05
C LEU B 135 17.36 -12.56 1.51
N ALA B 136 16.98 -11.40 2.02
CA ALA B 136 15.70 -10.77 1.66
C ALA B 136 15.55 -10.56 0.16
N ALA B 137 16.55 -9.93 -0.45
CA ALA B 137 16.52 -9.62 -1.88
C ALA B 137 16.35 -10.87 -2.73
N ILE B 138 17.01 -11.96 -2.33
CA ILE B 138 16.93 -13.21 -3.09
C ILE B 138 15.62 -13.96 -2.86
N PHE B 139 15.13 -13.93 -1.62
CA PHE B 139 13.81 -14.47 -1.29
C PHE B 139 12.74 -13.72 -2.07
N ALA B 140 12.83 -12.40 -2.04
CA ALA B 140 11.86 -11.52 -2.68
C ALA B 140 11.76 -11.79 -4.18
N ALA B 141 12.92 -11.95 -4.82
CA ALA B 141 12.97 -12.29 -6.24
C ALA B 141 12.28 -13.63 -6.53
N ALA B 142 12.52 -14.61 -5.67
CA ALA B 142 11.89 -15.94 -5.82
C ALA B 142 10.35 -15.94 -5.69
N ILE B 143 9.81 -15.05 -4.85
CA ILE B 143 8.37 -15.05 -4.58
C ILE B 143 7.57 -13.96 -5.30
N HIS B 144 8.25 -13.13 -6.09
CA HIS B 144 7.69 -11.84 -6.53
C HIS B 144 6.53 -11.94 -7.50
N ASP B 145 6.32 -13.14 -8.07
CA ASP B 145 5.29 -13.38 -9.07
C ASP B 145 4.51 -14.68 -8.85
N VAL B 146 4.65 -15.28 -7.68
CA VAL B 146 3.94 -16.52 -7.36
C VAL B 146 2.41 -16.36 -7.44
N ASP B 147 1.75 -17.40 -7.97
CA ASP B 147 0.30 -17.45 -8.17
C ASP B 147 -0.21 -16.44 -9.20
N HIS B 148 0.70 -15.96 -10.05
CA HIS B 148 0.36 -15.05 -11.14
C HIS B 148 -0.56 -15.79 -12.13
N PRO B 149 -1.72 -15.20 -12.42
CA PRO B 149 -2.70 -15.78 -13.36
C PRO B 149 -2.41 -15.51 -14.83
N GLY B 150 -1.33 -14.79 -15.12
CA GLY B 150 -0.98 -14.44 -16.49
C GLY B 150 -1.87 -13.37 -17.09
N VAL B 151 -2.40 -12.49 -16.25
CA VAL B 151 -3.15 -11.32 -16.69
C VAL B 151 -2.77 -10.12 -15.83
N SER B 152 -2.99 -8.92 -16.37
CA SER B 152 -2.61 -7.68 -15.69
C SER B 152 -3.53 -7.32 -14.53
N ASN B 153 -3.03 -6.48 -13.63
CA ASN B 153 -3.83 -5.88 -12.56
C ASN B 153 -5.08 -5.21 -13.12
N GLN B 154 -4.94 -4.58 -14.28
CA GLN B 154 -6.03 -3.89 -14.94
C GLN B 154 -7.15 -4.84 -15.34
N PHE B 155 -6.78 -6.01 -15.84
CA PHE B 155 -7.74 -7.05 -16.19
C PHE B 155 -8.51 -7.52 -14.96
N LEU B 156 -7.78 -7.77 -13.88
CA LEU B 156 -8.38 -8.18 -12.60
C LEU B 156 -9.32 -7.12 -12.01
N ILE B 157 -9.08 -5.85 -12.31
CA ILE B 157 -9.93 -4.75 -11.87
C ILE B 157 -11.21 -4.68 -12.71
N ASN B 158 -11.05 -4.71 -14.04
CA ASN B 158 -12.18 -4.55 -14.96
C ASN B 158 -13.21 -5.68 -14.87
N THR B 159 -12.81 -6.81 -14.31
CA THR B 159 -13.67 -7.98 -14.17
C THR B 159 -14.25 -8.11 -12.77
N ASN B 160 -13.90 -7.19 -11.87
CA ASN B 160 -14.29 -7.24 -10.45
C ASN B 160 -13.84 -8.52 -9.74
N SER B 161 -12.64 -8.98 -10.12
CA SER B 161 -12.02 -10.14 -9.49
C SER B 161 -11.96 -9.97 -7.97
N GLU B 162 -12.07 -11.10 -7.28
CA GLU B 162 -11.99 -11.19 -5.82
C GLU B 162 -10.72 -10.53 -5.28
N LEU B 163 -9.60 -10.73 -5.98
CA LEU B 163 -8.32 -10.18 -5.57
C LEU B 163 -8.29 -8.65 -5.62
N ALA B 164 -8.94 -8.09 -6.63
CA ALA B 164 -9.04 -6.63 -6.79
C ALA B 164 -9.94 -6.03 -5.72
N LEU B 165 -10.98 -6.76 -5.33
CA LEU B 165 -11.87 -6.31 -4.29
C LEU B 165 -11.18 -6.39 -2.92
N MET B 166 -10.40 -7.43 -2.72
CA MET B 166 -9.66 -7.58 -1.47
C MET B 166 -8.55 -6.53 -1.33
N TYR B 167 -7.88 -6.21 -2.42
CA TYR B 167 -6.72 -5.33 -2.34
C TYR B 167 -6.97 -3.91 -2.79
N ASN B 168 -8.25 -3.61 -3.05
CA ASN B 168 -8.70 -2.25 -3.35
C ASN B 168 -8.05 -1.64 -4.59
N ASP B 169 -7.79 -2.50 -5.59
CA ASP B 169 -7.26 -2.08 -6.89
C ASP B 169 -5.80 -1.58 -6.85
N GLU B 170 -5.22 -1.54 -5.66
CA GLU B 170 -3.87 -1.01 -5.49
C GLU B 170 -2.84 -2.12 -5.43
N SER B 171 -2.02 -2.21 -6.48
CA SER B 171 -0.99 -3.24 -6.58
C SER B 171 -1.54 -4.65 -6.27
N VAL B 172 -2.62 -5.01 -6.96
CA VAL B 172 -3.38 -6.21 -6.64
C VAL B 172 -2.50 -7.44 -6.59
N LEU B 173 -1.87 -7.78 -7.71
CA LEU B 173 -1.08 -9.00 -7.80
C LEU B 173 0.16 -8.99 -6.91
N GLU B 174 0.82 -7.83 -6.81
CA GLU B 174 2.05 -7.71 -6.03
C GLU B 174 1.77 -7.97 -4.55
N ASN B 175 0.67 -7.40 -4.04
CA ASN B 175 0.19 -7.72 -2.69
C ASN B 175 -0.08 -9.21 -2.55
N HIS B 176 -0.70 -9.80 -3.58
CA HIS B 176 -1.05 -11.22 -3.57
C HIS B 176 0.18 -12.11 -3.60
N HIS B 177 1.17 -11.76 -4.43
CA HIS B 177 2.42 -12.51 -4.50
C HIS B 177 3.06 -12.57 -3.12
N LEU B 178 3.07 -11.45 -2.41
CA LEU B 178 3.65 -11.37 -1.07
C LEU B 178 2.89 -12.19 -0.05
N ALA B 179 1.57 -12.15 -0.12
CA ALA B 179 0.70 -12.90 0.80
C ALA B 179 0.87 -14.41 0.65
N VAL B 180 0.91 -14.88 -0.59
CA VAL B 180 1.11 -16.31 -0.87
C VAL B 180 2.50 -16.76 -0.41
N GLY B 181 3.52 -15.99 -0.79
CA GLY B 181 4.90 -16.26 -0.40
C GLY B 181 5.05 -16.49 1.10
N PHE B 182 4.48 -15.58 1.89
CA PHE B 182 4.51 -15.66 3.34
C PHE B 182 3.58 -16.71 3.96
N LYS B 183 2.39 -16.91 3.37
CA LYS B 183 1.47 -17.94 3.86
C LYS B 183 2.04 -19.36 3.76
N LEU B 184 2.78 -19.62 2.69
CA LEU B 184 3.33 -20.96 2.45
C LEU B 184 4.39 -21.37 3.47
N LEU B 185 4.78 -20.43 4.33
CA LEU B 185 5.68 -20.71 5.44
C LEU B 185 4.99 -21.55 6.51
N GLN B 186 3.66 -21.50 6.58
CA GLN B 186 2.88 -22.24 7.59
C GLN B 186 2.57 -23.68 7.24
N GLU B 187 2.81 -24.07 5.99
CA GLU B 187 2.57 -25.46 5.55
C GLU B 187 3.55 -26.41 6.23
N GLU B 188 3.27 -27.72 6.18
CA GLU B 188 4.08 -28.71 6.88
C GLU B 188 5.55 -28.66 6.51
N HIS B 189 6.37 -28.41 7.53
CA HIS B 189 7.83 -28.39 7.42
C HIS B 189 8.41 -27.36 6.45
N CYS B 190 7.65 -26.31 6.22
CA CYS B 190 8.17 -25.11 5.56
C CYS B 190 8.50 -24.16 6.71
N ASP B 191 8.58 -22.87 6.44
CA ASP B 191 9.04 -21.89 7.43
C ASP B 191 10.55 -21.95 7.54
N ILE B 192 11.19 -21.53 6.46
CA ILE B 192 12.63 -21.42 6.40
C ILE B 192 13.17 -20.33 7.34
N PHE B 193 12.26 -19.61 7.99
CA PHE B 193 12.61 -18.50 8.86
C PHE B 193 12.37 -18.79 10.35
N MET B 194 12.14 -20.05 10.69
CA MET B 194 11.88 -20.44 12.08
C MET B 194 13.01 -20.02 13.04
N ASN B 195 14.25 -20.18 12.60
CA ASN B 195 15.40 -20.02 13.48
C ASN B 195 16.05 -18.62 13.48
N LEU B 196 15.33 -17.64 12.95
CA LEU B 196 15.75 -16.24 13.04
C LEU B 196 15.20 -15.61 14.32
N THR B 197 15.77 -14.48 14.70
CA THR B 197 15.28 -13.67 15.82
C THR B 197 13.93 -13.06 15.45
N LYS B 198 13.15 -12.72 16.47
CA LYS B 198 11.92 -11.94 16.25
C LYS B 198 12.25 -10.67 15.46
N LYS B 199 13.40 -10.06 15.77
CA LYS B 199 13.84 -8.84 15.09
C LYS B 199 14.30 -9.09 13.66
N GLN B 200 15.08 -10.17 13.45
CA GLN B 200 15.54 -10.57 12.13
C GLN B 200 14.37 -10.80 11.16
N ARG B 201 13.34 -11.50 11.65
CA ARG B 201 12.11 -11.74 10.90
C ARG B 201 11.37 -10.45 10.57
N GLN B 202 11.24 -9.56 11.54
CA GLN B 202 10.58 -8.27 11.32
C GLN B 202 11.29 -7.42 10.27
N THR B 203 12.61 -7.45 10.29
CA THR B 203 13.41 -6.67 9.35
C THR B 203 13.39 -7.28 7.95
N LEU B 204 13.54 -8.60 7.88
CA LEU B 204 13.46 -9.32 6.61
C LEU B 204 12.09 -9.06 5.96
N ARG B 205 11.03 -9.31 6.71
CA ARG B 205 9.66 -9.13 6.26
C ARG B 205 9.43 -7.76 5.62
N LYS B 206 9.81 -6.70 6.32
CA LYS B 206 9.66 -5.33 5.84
C LYS B 206 10.40 -5.12 4.52
N MET B 207 11.63 -5.62 4.44
CA MET B 207 12.45 -5.48 3.25
C MET B 207 11.85 -6.22 2.05
N VAL B 208 11.48 -7.49 2.26
CA VAL B 208 10.83 -8.30 1.24
C VAL B 208 9.55 -7.63 0.73
N ILE B 209 8.73 -7.13 1.65
CA ILE B 209 7.49 -6.45 1.27
C ILE B 209 7.80 -5.22 0.41
N ASP B 210 8.79 -4.45 0.86
CA ASP B 210 9.19 -3.22 0.18
C ASP B 210 9.59 -3.51 -1.26
N MET B 211 10.50 -4.47 -1.43
CA MET B 211 11.01 -4.84 -2.75
C MET B 211 9.95 -5.38 -3.72
N VAL B 212 9.06 -6.23 -3.23
CA VAL B 212 8.08 -6.88 -4.12
C VAL B 212 6.95 -5.93 -4.54
N LEU B 213 6.54 -5.04 -3.64
CA LEU B 213 5.59 -3.98 -3.98
C LEU B 213 6.18 -3.05 -5.02
N ALA B 214 7.51 -2.93 -5.00
CA ALA B 214 8.26 -2.06 -5.92
C ALA B 214 8.38 -2.60 -7.35
N THR B 215 8.01 -3.88 -7.55
CA THR B 215 7.96 -4.47 -8.89
C THR B 215 6.70 -4.07 -9.67
N ASP B 216 5.80 -3.32 -9.03
CA ASP B 216 4.57 -2.83 -9.68
C ASP B 216 4.93 -1.75 -10.69
N MET B 217 4.72 -2.05 -11.97
CA MET B 217 5.12 -1.17 -13.08
C MET B 217 4.52 0.23 -12.99
N SER B 218 3.40 0.38 -12.29
CA SER B 218 2.77 1.68 -12.10
C SER B 218 3.66 2.60 -11.28
N LYS B 219 4.58 2.00 -10.52
CA LYS B 219 5.52 2.73 -9.68
C LYS B 219 6.86 3.01 -10.37
N HIS B 220 6.99 2.56 -11.63
CA HIS B 220 8.25 2.66 -12.37
C HIS B 220 8.88 4.07 -12.44
N MET B 221 8.06 5.07 -12.78
CA MET B 221 8.57 6.43 -12.95
C MET B 221 9.02 7.10 -11.63
N SER B 222 8.31 6.82 -10.54
CA SER B 222 8.67 7.39 -9.25
C SER B 222 9.91 6.70 -8.69
N LEU B 223 10.07 5.43 -9.03
CA LEU B 223 11.22 4.62 -8.59
C LEU B 223 12.50 5.08 -9.29
N LEU B 224 12.39 5.34 -10.59
CA LEU B 224 13.49 5.86 -11.40
C LEU B 224 13.93 7.25 -10.93
N ALA B 225 12.97 8.15 -10.73
CA ALA B 225 13.24 9.50 -10.24
C ALA B 225 14.00 9.49 -8.90
N ASP B 226 13.59 8.62 -7.99
CA ASP B 226 14.24 8.49 -6.69
C ASP B 226 15.66 7.94 -6.84
N LEU B 227 15.84 7.01 -7.77
CA LEU B 227 17.15 6.43 -8.07
C LEU B 227 18.07 7.44 -8.74
N LYS B 228 17.49 8.35 -9.51
CA LYS B 228 18.23 9.45 -10.14
C LYS B 228 18.72 10.46 -9.11
N THR B 229 17.93 10.63 -8.05
CA THR B 229 18.29 11.46 -6.90
C THR B 229 19.40 10.77 -6.10
N MET B 230 19.39 9.45 -6.13
CA MET B 230 20.39 8.61 -5.46
C MET B 230 21.76 8.81 -6.12
N VAL B 231 21.74 8.95 -7.45
CA VAL B 231 22.95 9.13 -8.24
C VAL B 231 23.51 10.55 -8.07
N GLU B 232 22.63 11.55 -8.07
CA GLU B 232 23.02 12.95 -7.84
C GLU B 232 23.84 13.15 -6.55
N THR B 233 23.59 12.33 -5.54
CA THR B 233 24.26 12.46 -4.23
C THR B 233 25.11 11.24 -3.91
N LYS B 234 25.57 10.56 -4.97
CA LYS B 234 26.35 9.35 -4.82
C LYS B 234 27.70 9.64 -4.16
N LYS B 235 27.99 8.87 -3.11
CA LYS B 235 29.29 8.91 -2.46
C LYS B 235 29.86 7.50 -2.42
N VAL B 236 31.16 7.38 -2.69
CA VAL B 236 31.84 6.10 -2.61
C VAL B 236 33.02 6.16 -1.62
N THR B 237 33.17 5.10 -0.83
CA THR B 237 34.21 5.02 0.19
C THR B 237 35.59 4.84 -0.43
N SER B 238 36.62 5.12 0.37
CA SER B 238 38.02 4.93 -0.04
C SER B 238 38.31 3.49 -0.49
N SER B 239 37.44 2.55 -0.12
CA SER B 239 37.59 1.17 -0.57
C SER B 239 36.91 0.91 -1.93
N GLY B 240 36.51 1.99 -2.62
CA GLY B 240 35.88 1.90 -3.93
C GLY B 240 34.44 1.40 -3.91
N VAL B 241 33.82 1.49 -2.75
CA VAL B 241 32.49 0.91 -2.51
C VAL B 241 31.46 2.01 -2.26
N LEU B 242 30.26 1.82 -2.82
CA LEU B 242 29.18 2.78 -2.66
C LEU B 242 28.88 3.01 -1.18
N LEU B 243 28.76 4.27 -0.78
CA LEU B 243 28.48 4.58 0.63
C LEU B 243 26.98 4.71 0.87
N LEU B 244 26.48 3.88 1.77
CA LEU B 244 25.07 3.90 2.15
C LEU B 244 24.97 4.06 3.67
N ASP B 245 24.66 5.28 4.09
CA ASP B 245 24.66 5.68 5.51
C ASP B 245 23.67 4.91 6.37
N ASN B 246 22.47 4.68 5.84
CA ASN B 246 21.40 4.06 6.62
C ASN B 246 20.46 3.15 5.82
N TYR B 247 19.54 2.50 6.54
CA TYR B 247 18.58 1.58 5.97
C TYR B 247 17.82 2.15 4.77
N THR B 248 17.35 3.39 4.90
CA THR B 248 16.58 4.06 3.86
C THR B 248 17.31 4.03 2.52
N ASP B 249 18.63 4.17 2.57
CA ASP B 249 19.45 4.16 1.37
C ASP B 249 19.69 2.76 0.84
N ARG B 250 19.99 1.82 1.75
CA ARG B 250 20.25 0.44 1.36
C ARG B 250 19.01 -0.20 0.73
N ILE B 251 17.85 -0.05 1.38
CA ILE B 251 16.61 -0.62 0.85
C ILE B 251 16.24 -0.04 -0.52
N GLN B 252 16.56 1.23 -0.75
CA GLN B 252 16.26 1.88 -2.03
C GLN B 252 17.01 1.22 -3.18
N VAL B 253 18.28 0.90 -2.93
CA VAL B 253 19.12 0.21 -3.89
C VAL B 253 18.60 -1.22 -4.13
N LEU B 254 18.25 -1.89 -3.04
CA LEU B 254 17.65 -3.23 -3.11
C LEU B 254 16.31 -3.20 -3.85
N ARG B 255 15.48 -2.20 -3.55
CA ARG B 255 14.23 -1.97 -4.31
C ARG B 255 14.53 -1.94 -5.79
N ASN B 256 15.48 -1.12 -6.19
CA ASN B 256 15.81 -0.92 -7.60
C ASN B 256 16.53 -2.11 -8.22
N MET B 257 17.32 -2.81 -7.41
CA MET B 257 18.01 -4.00 -7.85
C MET B 257 17.05 -5.11 -8.32
N VAL B 258 16.01 -5.39 -7.53
CA VAL B 258 15.05 -6.42 -7.91
C VAL B 258 14.24 -5.97 -9.12
N HIS B 259 13.94 -4.67 -9.17
CA HIS B 259 13.21 -4.09 -10.30
C HIS B 259 13.98 -4.20 -11.61
N CYS B 260 15.31 -4.01 -11.52
CA CYS B 260 16.21 -4.18 -12.66
C CYS B 260 16.27 -5.65 -13.07
N ALA B 261 16.37 -6.54 -12.09
CA ALA B 261 16.44 -7.97 -12.36
C ALA B 261 15.14 -8.47 -12.98
N ASP B 262 14.01 -7.93 -12.52
CA ASP B 262 12.71 -8.19 -13.13
C ASP B 262 12.67 -7.73 -14.60
N LEU B 263 13.26 -6.56 -14.84
CA LEU B 263 13.29 -5.97 -16.19
C LEU B 263 14.61 -6.21 -16.94
N SER B 264 15.22 -7.38 -16.78
CA SER B 264 16.55 -7.65 -17.30
C SER B 264 16.61 -8.38 -18.64
N ASN B 265 15.46 -8.83 -19.13
CA ASN B 265 15.40 -9.64 -20.36
C ASN B 265 16.14 -9.03 -21.56
N PRO B 266 15.89 -7.73 -21.85
CA PRO B 266 16.56 -7.12 -23.01
C PRO B 266 18.04 -6.85 -22.82
N THR B 267 18.58 -7.16 -21.64
CA THR B 267 20.00 -6.95 -21.37
C THR B 267 20.78 -8.25 -21.48
N LYS B 268 20.05 -9.35 -21.67
CA LYS B 268 20.66 -10.66 -21.87
C LYS B 268 20.96 -10.84 -23.36
N SER B 269 21.71 -11.88 -23.70
CA SER B 269 22.02 -12.16 -25.10
C SER B 269 20.73 -12.31 -25.90
N LEU B 270 20.79 -11.87 -27.16
CA LEU B 270 19.62 -11.90 -28.04
C LEU B 270 18.89 -13.24 -28.10
N GLU B 271 19.62 -14.35 -27.93
CA GLU B 271 19.01 -15.67 -27.99
C GLU B 271 18.06 -15.94 -26.81
N LEU B 272 18.52 -15.63 -25.59
CA LEU B 272 17.70 -15.73 -24.39
C LEU B 272 16.57 -14.73 -24.46
N TYR B 273 16.90 -13.50 -24.81
CA TYR B 273 15.97 -12.38 -24.85
C TYR B 273 14.75 -12.62 -25.76
N ARG B 274 14.98 -13.13 -26.97
CA ARG B 274 13.89 -13.39 -27.92
C ARG B 274 12.96 -14.48 -27.41
N GLN B 275 13.49 -15.42 -26.65
CA GLN B 275 12.69 -16.47 -26.03
C GLN B 275 11.79 -15.91 -24.93
N TRP B 276 12.32 -14.96 -24.16
CA TRP B 276 11.51 -14.23 -23.19
C TRP B 276 10.42 -13.43 -23.89
N THR B 277 10.78 -12.86 -25.04
CA THR B 277 9.87 -12.03 -25.82
C THR B 277 8.69 -12.83 -26.37
N ASP B 278 8.97 -14.02 -26.91
CA ASP B 278 7.95 -14.92 -27.41
C ASP B 278 7.00 -15.35 -26.28
N ARG B 279 7.57 -15.60 -25.10
CA ARG B 279 6.77 -16.02 -23.94
C ARG B 279 5.77 -14.96 -23.49
N ILE B 280 6.24 -13.74 -23.25
CA ILE B 280 5.38 -12.67 -22.76
C ILE B 280 4.38 -12.23 -23.83
N MET B 281 4.66 -12.59 -25.07
CA MET B 281 3.77 -12.30 -26.19
C MET B 281 2.60 -13.26 -26.22
N GLU B 282 2.90 -14.54 -26.01
CA GLU B 282 1.88 -15.60 -25.93
C GLU B 282 0.91 -15.30 -24.80
N GLU B 283 1.46 -14.96 -23.63
CA GLU B 283 0.68 -14.57 -22.46
C GLU B 283 -0.17 -13.34 -22.74
N PHE B 284 0.46 -12.32 -23.30
CA PHE B 284 -0.19 -11.05 -23.59
C PHE B 284 -1.38 -11.26 -24.54
N PHE B 285 -1.18 -12.08 -25.57
CA PHE B 285 -2.23 -12.42 -26.53
C PHE B 285 -3.33 -13.28 -25.93
N GLN B 286 -2.96 -14.16 -25.01
CA GLN B 286 -3.92 -14.98 -24.26
C GLN B 286 -4.88 -14.13 -23.41
N GLN B 287 -4.40 -13.01 -22.88
CA GLN B 287 -5.28 -12.07 -22.17
C GLN B 287 -6.27 -11.45 -23.14
N GLY B 288 -5.78 -11.05 -24.32
CA GLY B 288 -6.62 -10.57 -25.41
C GLY B 288 -7.74 -11.54 -25.74
N ASP B 289 -7.40 -12.83 -25.80
CA ASP B 289 -8.40 -13.88 -25.98
C ASP B 289 -9.43 -13.87 -24.86
N LYS B 290 -8.95 -13.81 -23.61
CA LYS B 290 -9.82 -13.76 -22.45
C LYS B 290 -10.84 -12.63 -22.53
N GLU B 291 -10.36 -11.42 -22.85
CA GLU B 291 -11.20 -10.23 -22.95
C GLU B 291 -12.28 -10.37 -24.03
N ARG B 292 -11.87 -10.93 -25.18
CA ARG B 292 -12.77 -11.32 -26.26
C ARG B 292 -13.78 -12.35 -25.73
N GLU B 293 -13.28 -13.47 -25.19
CA GLU B 293 -14.13 -14.50 -24.58
C GLU B 293 -15.16 -13.92 -23.61
N ARG B 294 -14.78 -12.85 -22.90
CA ARG B 294 -15.61 -12.29 -21.83
C ARG B 294 -16.40 -11.03 -22.21
N GLY B 295 -16.29 -10.61 -23.47
CA GLY B 295 -17.03 -9.44 -23.97
C GLY B 295 -16.70 -8.15 -23.26
N MET B 296 -15.43 -8.00 -22.90
CA MET B 296 -14.96 -6.86 -22.11
C MET B 296 -15.02 -5.56 -22.90
N GLU B 297 -15.45 -4.49 -22.24
CA GLU B 297 -15.59 -3.18 -22.86
C GLU B 297 -14.27 -2.41 -22.86
N ILE B 298 -13.32 -2.94 -23.63
CA ILE B 298 -11.98 -2.39 -23.78
C ILE B 298 -11.58 -2.62 -25.24
N SER B 299 -10.84 -1.68 -25.80
CA SER B 299 -10.31 -1.80 -27.16
C SER B 299 -9.54 -3.14 -27.31
N PRO B 300 -9.79 -3.86 -28.43
CA PRO B 300 -9.15 -5.17 -28.67
C PRO B 300 -7.66 -5.08 -28.97
N MET B 301 -7.05 -6.23 -29.27
CA MET B 301 -5.62 -6.29 -29.51
C MET B 301 -5.26 -6.66 -30.93
N CYS B 302 -4.33 -5.89 -31.49
CA CYS B 302 -3.72 -6.19 -32.78
C CYS B 302 -2.91 -7.49 -32.69
N ASP B 303 -2.66 -8.14 -33.82
CA ASP B 303 -1.93 -9.41 -33.81
C ASP B 303 -0.69 -9.47 -34.72
N LYS B 304 -0.50 -8.43 -35.53
CA LYS B 304 0.57 -8.37 -36.55
C LYS B 304 1.97 -8.51 -35.96
N VAL B 309 5.18 -5.27 -32.86
CA VAL B 309 5.93 -6.38 -32.26
C VAL B 309 7.35 -5.92 -31.92
N GLU B 310 8.21 -5.84 -32.94
CA GLU B 310 9.58 -5.36 -32.80
C GLU B 310 9.64 -3.84 -32.56
N LYS B 311 8.59 -3.13 -32.99
CA LYS B 311 8.40 -1.73 -32.63
C LYS B 311 8.23 -1.62 -31.13
N SER B 312 7.46 -2.57 -30.58
CA SER B 312 7.08 -2.55 -29.19
C SER B 312 8.21 -2.94 -28.23
N GLN B 313 9.20 -3.67 -28.72
CA GLN B 313 10.40 -3.92 -27.94
C GLN B 313 11.26 -2.67 -27.90
N VAL B 314 11.30 -1.93 -29.01
CA VAL B 314 12.06 -0.69 -29.09
C VAL B 314 11.41 0.37 -28.20
N GLY B 315 10.09 0.52 -28.31
CA GLY B 315 9.34 1.39 -27.39
C GLY B 315 9.59 0.99 -25.94
N PHE B 316 9.66 -0.31 -25.69
CA PHE B 316 9.88 -0.85 -24.35
C PHE B 316 11.25 -0.46 -23.79
N ILE B 317 12.29 -0.65 -24.60
CA ILE B 317 13.66 -0.26 -24.22
C ILE B 317 13.81 1.26 -24.10
N ASP B 318 13.29 1.99 -25.07
CA ASP B 318 13.38 3.46 -25.10
C ASP B 318 12.70 4.16 -23.94
N TYR B 319 11.56 3.63 -23.50
CA TYR B 319 10.71 4.32 -22.55
C TYR B 319 10.81 3.73 -21.15
N ILE B 320 11.15 2.45 -21.07
CA ILE B 320 11.23 1.78 -19.77
C ILE B 320 12.64 1.27 -19.43
N VAL B 321 13.12 0.26 -20.15
CA VAL B 321 14.31 -0.48 -19.74
C VAL B 321 15.58 0.37 -19.77
N HIS B 322 15.85 1.02 -20.90
CA HIS B 322 17.07 1.81 -21.03
C HIS B 322 17.16 2.97 -20.03
N PRO B 323 16.10 3.79 -19.91
CA PRO B 323 16.21 4.85 -18.90
C PRO B 323 16.59 4.29 -17.53
N LEU B 324 16.03 3.14 -17.17
CA LEU B 324 16.32 2.50 -15.88
C LEU B 324 17.77 1.98 -15.78
N TRP B 325 18.17 1.17 -16.75
CA TRP B 325 19.50 0.55 -16.74
C TRP B 325 20.62 1.55 -16.93
N GLU B 326 20.31 2.65 -17.61
CA GLU B 326 21.26 3.76 -17.74
C GLU B 326 21.59 4.34 -16.37
N THR B 327 20.58 4.49 -15.54
CA THR B 327 20.72 5.03 -14.18
C THR B 327 21.42 4.04 -13.24
N TRP B 328 21.09 2.75 -13.36
CA TRP B 328 21.77 1.72 -12.57
C TRP B 328 23.27 1.68 -12.88
N ALA B 329 23.61 1.77 -14.17
CA ALA B 329 24.99 1.85 -14.62
C ALA B 329 25.74 3.02 -13.96
N ASP B 330 25.15 4.20 -13.97
CA ASP B 330 25.69 5.35 -13.24
C ASP B 330 25.96 5.01 -11.78
N LEU B 331 24.99 4.34 -11.14
CA LEU B 331 25.10 3.97 -9.73
C LEU B 331 26.27 3.04 -9.44
N VAL B 332 26.53 2.09 -10.34
CA VAL B 332 27.60 1.10 -10.11
C VAL B 332 28.80 1.24 -11.07
N GLN B 333 28.99 2.44 -11.60
CA GLN B 333 30.04 2.71 -12.59
C GLN B 333 31.43 2.21 -12.18
N PRO B 334 32.09 1.39 -13.04
CA PRO B 334 31.68 1.02 -14.40
C PRO B 334 31.09 -0.39 -14.52
N ASP B 335 30.71 -0.97 -13.38
CA ASP B 335 30.47 -2.41 -13.24
C ASP B 335 29.37 -3.04 -14.10
N ALA B 336 28.44 -2.23 -14.58
CA ALA B 336 27.31 -2.74 -15.37
C ALA B 336 27.39 -2.36 -16.85
N GLN B 337 28.57 -1.95 -17.30
CA GLN B 337 28.74 -1.45 -18.66
C GLN B 337 28.50 -2.49 -19.75
N ASP B 338 28.95 -3.72 -19.51
CA ASP B 338 28.70 -4.83 -20.44
C ASP B 338 27.20 -5.07 -20.58
N ILE B 339 26.49 -5.04 -19.46
CA ILE B 339 25.04 -5.17 -19.47
C ILE B 339 24.41 -4.05 -20.29
N LEU B 340 24.81 -2.82 -20.01
CA LEU B 340 24.30 -1.67 -20.76
C LEU B 340 24.67 -1.74 -22.25
N ASP B 341 25.92 -2.11 -22.54
CA ASP B 341 26.35 -2.32 -23.94
C ASP B 341 25.50 -3.34 -24.67
N THR B 342 25.18 -4.45 -24.01
CA THR B 342 24.35 -5.50 -24.61
C THR B 342 22.94 -5.03 -24.88
N LEU B 343 22.38 -4.23 -23.96
CA LEU B 343 21.04 -3.68 -24.11
C LEU B 343 20.95 -2.81 -25.37
N GLU B 344 21.93 -1.93 -25.55
CA GLU B 344 21.94 -1.03 -26.70
C GLU B 344 22.14 -1.80 -28.01
N ASP B 345 22.96 -2.86 -27.97
CA ASP B 345 23.09 -3.77 -29.12
C ASP B 345 21.74 -4.37 -29.49
N ASN B 346 21.01 -4.84 -28.47
CA ASN B 346 19.69 -5.43 -28.66
C ASN B 346 18.65 -4.45 -29.19
N ARG B 347 18.74 -3.19 -28.74
CA ARG B 347 17.85 -2.12 -29.21
C ARG B 347 18.11 -1.83 -30.69
N ASN B 348 19.37 -1.80 -31.09
CA ASN B 348 19.74 -1.59 -32.49
C ASN B 348 19.24 -2.71 -33.41
N TRP B 349 19.40 -3.96 -32.98
CA TRP B 349 18.94 -5.11 -33.75
C TRP B 349 17.45 -5.01 -34.06
N TYR B 350 16.65 -4.73 -33.05
CA TYR B 350 15.20 -4.65 -33.20
C TYR B 350 14.76 -3.47 -34.06
N GLN B 351 15.51 -2.36 -33.98
CA GLN B 351 15.27 -1.18 -34.81
C GLN B 351 15.39 -1.52 -36.30
N SER B 352 16.42 -2.28 -36.65
CA SER B 352 16.63 -2.77 -38.00
C SER B 352 15.41 -3.49 -38.56
N MET B 353 14.78 -4.32 -37.73
CA MET B 353 13.62 -5.12 -38.15
C MET B 353 12.37 -4.25 -38.28
N CYS B 369 -8.48 -2.08 -32.60
CA CYS B 369 -7.08 -2.49 -32.56
C CYS B 369 -6.29 -1.62 -31.58
N GLN B 370 -5.42 -2.26 -30.80
CA GLN B 370 -4.49 -1.55 -29.93
C GLN B 370 -3.14 -2.28 -29.93
N GLY B 371 -2.07 -1.50 -30.06
CA GLY B 371 -0.71 -2.04 -30.12
C GLY B 371 -0.27 -2.70 -28.84
N LEU B 372 0.77 -3.54 -28.94
CA LEU B 372 1.35 -4.23 -27.80
C LEU B 372 1.80 -3.28 -26.70
N MET B 373 2.62 -2.30 -27.08
CA MET B 373 3.13 -1.30 -26.16
C MET B 373 2.03 -0.33 -25.73
N GLU B 374 1.16 0.03 -26.68
CA GLU B 374 0.03 0.92 -26.43
C GLU B 374 -0.93 0.36 -25.37
N LYS B 375 -1.18 -0.95 -25.47
CA LYS B 375 -1.97 -1.70 -24.50
C LYS B 375 -1.28 -1.67 -23.14
N PHE B 376 0.02 -1.91 -23.14
CA PHE B 376 0.82 -1.97 -21.92
C PHE B 376 0.86 -0.64 -21.19
N GLN B 377 1.03 0.44 -21.95
CA GLN B 377 1.10 1.78 -21.40
C GLN B 377 -0.25 2.22 -20.83
N PHE B 378 -1.33 1.73 -21.44
CA PHE B 378 -2.70 2.05 -20.99
C PHE B 378 -3.05 1.41 -19.65
N GLU B 379 -2.51 0.22 -19.39
CA GLU B 379 -2.77 -0.49 -18.14
C GLU B 379 -2.01 0.12 -16.96
N LEU B 380 -1.29 1.21 -17.22
CA LEU B 380 -0.58 1.98 -16.20
C LEU B 380 -1.21 3.36 -16.03
ZN ZN C . -11.20 7.57 11.72
C1 0CP D . -9.01 13.46 20.89
N1 0CP D . -6.20 8.50 14.28
O1 0CP D . -7.72 12.96 20.54
C2 0CP D . -7.54 12.01 19.56
N2 0CP D . -5.88 6.88 15.89
O2 0CP D . -5.27 11.67 20.40
C3 0CP D . -6.24 11.30 19.50
O3 0CP D . -6.05 6.34 13.74
C4 0CP D . -4.28 10.77 20.92
C5 0CP D . -3.10 10.68 19.96
C6 0CP D . -1.93 11.17 20.78
C7 0CP D . -1.64 10.13 21.85
C8 0CP D . -2.82 10.28 22.81
C9 0CP D . -3.65 11.36 22.17
C10 0CP D . -2.58 12.26 21.59
C11 0CP D . -6.05 10.33 18.51
C12 0CP D . -7.09 10.02 17.61
C13 0CP D . -8.32 10.69 17.70
C14 0CP D . -8.55 11.67 18.66
C15 0CP D . -6.94 8.98 16.56
C16 0CP D . -6.37 9.56 15.26
C17 0CP D . -6.05 7.21 14.61
C18 0CP D . -6.06 7.82 16.99
MG MG E . -8.28 5.68 11.37
ZN ZN F . 8.24 -10.31 -12.64
C1 0CP G . 10.86 -9.53 -23.10
N1 0CP G . 6.44 -6.34 -16.31
O1 0CP G . 9.80 -8.57 -23.05
C2 0CP G . 9.08 -8.36 -21.91
N2 0CP G . 4.55 -7.19 -17.34
O2 0CP G . 7.76 -6.71 -23.11
C3 0CP G . 7.98 -7.37 -21.93
O3 0CP G . 4.67 -6.98 -15.13
C4 0CP G . 6.75 -5.71 -23.28
C5 0CP G . 7.06 -4.85 -24.50
C6 0CP G . 5.82 -5.01 -25.36
C7 0CP G . 4.68 -4.31 -24.64
C8 0CP G . 4.37 -5.25 -23.47
C9 0CP G . 5.41 -6.33 -23.62
C10 0CP G . 5.47 -6.47 -25.12
C11 0CP G . 7.23 -7.15 -20.76
C12 0CP G . 7.52 -7.87 -19.60
C13 0CP G . 8.56 -8.80 -19.59
C14 0CP G . 9.33 -9.06 -20.72
C15 0CP G . 6.75 -7.68 -18.34
C16 0CP G . 7.25 -6.49 -17.52
C17 0CP G . 5.20 -6.84 -16.22
C18 0CP G . 5.24 -7.50 -18.58
C1 B3P H . -6.02 -19.81 -6.91
C2 B3P H . -5.22 -19.19 -8.04
C3 B3P H . -5.10 -20.56 -5.96
N1 B3P H . -5.27 -22.00 -6.09
C4 B3P H . -5.70 -22.75 -4.93
C5 B3P H . -6.56 -21.83 -4.07
C6 B3P H . -4.48 -23.23 -4.15
C7 B3P H . -6.52 -23.95 -5.39
N2 B3P H . -5.21 -17.74 -7.95
C8 B3P H . -6.20 -16.97 -8.67
C9 B3P H . -7.08 -16.27 -7.64
C10 B3P H . -5.50 -15.95 -9.55
C11 B3P H . -7.04 -17.92 -9.53
O1 B3P H . -6.50 -16.48 -6.35
O2 B3P H . -4.10 -15.89 -9.21
O3 B3P H . -6.35 -18.20 -10.75
O4 B3P H . -7.23 -22.61 -3.07
O5 B3P H . -4.26 -24.62 -4.41
O6 B3P H . -5.92 -24.55 -6.54
MG MG I . 4.89 -8.87 -10.94
#